data_9E06
#
_entry.id   9E06
#
_cell.length_a   1.00
_cell.length_b   1.00
_cell.length_c   1.00
_cell.angle_alpha   90.00
_cell.angle_beta   90.00
_cell.angle_gamma   90.00
#
_symmetry.space_group_name_H-M   'P 1'
#
loop_
_entity.id
_entity.type
_entity.pdbx_description
1 polymer 'Sec-independent protein translocase protein TatB homolog'
2 polymer 'Sec-independent protein translocase protein TatC'
#
loop_
_entity_poly.entity_id
_entity_poly.type
_entity_poly.pdbx_seq_one_letter_code
_entity_poly.pdbx_strand_id
1 'polypeptide(L)'
;MFGMGFSEILVIALVAILFLGPDKLPEAMVQIAKFFNSVRKTINEAKSTFEEELHLKELKEEALSYRQSLSEVGSDISGF
KNAISNHTDELQEAIEIARSGMPTDRLNESVDDLLEEDEPTGETSQRPGVTEYKEMARKALEEAENSAEAQTAETPSVED
KGPESSPKESSRPAGFKHLDNEANAWSHPQFEK
;
B,F,D
2 'polypeptide(L)'
;MFESMKPHLAELRQRLAISVLAVFVGFIIAFTFHNAILGWITKPLNNALIQVGKIVEKREMGTWKISGNEHNATLAPSKS
PALLSDHAQSAEKLHRTLAEASQATQNPKLQKLLSQAASAAEELARNSRILRKALVKEENLTRQAVNQNLREKSFNGMIT
THQVGGAFFVALKVSFFAGILMAMPVILWQLWLFIAPGLYDNEKKMVLPFVVGGSVMFLIGVLFAYYVVTPFGFQFLITF
GSFLYTPLINIEDYVGFFTKILIGFGIAFELPVVAYFLALLGLITDKTLKDYFKYAIVIIFLLAAFLTPPDVLTQLLMAA
PLILLYGLSILIVHYVNPYKPEEKEDDEEEEEDEFEKAEREFEALEKGSESHESGSENLYFQ
;
A,E,C
#
# COMPACT_ATOMS: atom_id res chain seq x y z
N MET A 1 -0.54 -9.57 1.53
CA MET A 1 -1.95 -9.33 1.80
C MET A 1 -2.13 -8.38 2.98
N PHE A 2 -1.34 -8.57 4.03
CA PHE A 2 -1.36 -7.70 5.20
C PHE A 2 -0.07 -6.91 5.33
N GLY A 3 0.63 -6.69 4.22
CA GLY A 3 1.92 -6.03 4.24
C GLY A 3 2.97 -6.88 3.56
N MET A 4 2.57 -8.04 3.05
CA MET A 4 3.46 -8.99 2.42
C MET A 4 3.13 -9.10 0.94
N GLY A 5 4.12 -8.87 0.09
CA GLY A 5 3.99 -9.09 -1.33
C GLY A 5 4.26 -10.53 -1.70
N PHE A 6 4.13 -10.81 -2.99
CA PHE A 6 4.40 -12.17 -3.49
C PHE A 6 5.87 -12.53 -3.28
N SER A 7 6.77 -11.56 -3.49
CA SER A 7 8.18 -11.79 -3.31
C SER A 7 8.50 -12.12 -1.85
N GLU A 8 7.73 -11.54 -0.92
CA GLU A 8 7.90 -11.88 0.49
C GLU A 8 7.57 -13.35 0.74
N ILE A 9 6.48 -13.83 0.14
CA ILE A 9 6.12 -15.25 0.25
C ILE A 9 7.21 -16.12 -0.36
N LEU A 10 7.74 -15.74 -1.52
CA LEU A 10 8.80 -16.51 -2.13
C LEU A 10 10.05 -16.56 -1.26
N VAL A 11 10.41 -15.44 -0.64
CA VAL A 11 11.59 -15.42 0.23
C VAL A 11 11.35 -16.29 1.46
N ILE A 12 10.16 -16.22 2.05
CA ILE A 12 9.86 -17.05 3.21
C ILE A 12 9.95 -18.52 2.85
N ALA A 13 9.39 -18.91 1.71
CA ALA A 13 9.48 -20.30 1.26
C ALA A 13 10.93 -20.68 0.99
N LEU A 14 11.73 -19.75 0.48
CA LEU A 14 13.14 -20.02 0.25
C LEU A 14 13.88 -20.30 1.55
N VAL A 15 13.63 -19.50 2.58
CA VAL A 15 14.25 -19.76 3.88
C VAL A 15 13.76 -21.09 4.44
N ALA A 16 12.47 -21.40 4.25
CA ALA A 16 11.95 -22.67 4.72
C ALA A 16 12.68 -23.84 4.07
N ILE A 17 12.81 -23.80 2.75
CA ILE A 17 13.47 -24.88 2.02
C ILE A 17 14.94 -24.98 2.44
N LEU A 18 15.61 -23.85 2.57
CA LEU A 18 17.03 -23.85 2.90
C LEU A 18 17.27 -24.41 4.31
N PHE A 19 16.44 -24.02 5.28
CA PHE A 19 16.76 -24.31 6.67
C PHE A 19 16.09 -25.58 7.18
N LEU A 20 14.79 -25.76 6.94
CA LEU A 20 14.19 -27.05 7.27
C LEU A 20 14.83 -28.17 6.47
N GLY A 21 15.09 -27.94 5.18
CA GLY A 21 15.91 -28.82 4.40
C GLY A 21 15.18 -30.04 3.89
N PRO A 22 15.93 -31.09 3.53
CA PRO A 22 15.30 -32.29 2.99
C PRO A 22 14.37 -32.98 3.97
N ASP A 23 14.90 -33.36 5.13
CA ASP A 23 14.07 -33.88 6.20
C ASP A 23 13.43 -32.72 6.95
N LYS A 24 12.46 -33.05 7.81
CA LYS A 24 11.92 -32.12 8.79
C LYS A 24 11.05 -31.04 8.14
N LEU A 25 11.07 -30.97 6.81
CA LEU A 25 10.09 -30.17 6.07
C LEU A 25 8.82 -30.99 5.87
N PRO A 26 8.90 -32.27 5.48
CA PRO A 26 7.69 -33.10 5.50
C PRO A 26 7.09 -33.22 6.90
N GLU A 27 7.93 -33.26 7.94
CA GLU A 27 7.42 -33.28 9.30
C GLU A 27 6.63 -32.01 9.61
N ALA A 28 7.15 -30.85 9.19
CA ALA A 28 6.42 -29.61 9.37
C ALA A 28 5.19 -29.55 8.46
N MET A 29 5.28 -30.12 7.25
CA MET A 29 4.15 -30.09 6.34
C MET A 29 2.97 -30.87 6.88
N VAL A 30 3.21 -32.05 7.44
CA VAL A 30 2.13 -32.84 8.03
C VAL A 30 1.68 -32.31 9.39
N GLN A 31 2.54 -31.56 10.09
CA GLN A 31 2.12 -30.90 11.31
C GLN A 31 1.24 -29.69 11.04
N ILE A 32 1.57 -28.91 10.01
CA ILE A 32 0.73 -27.78 9.62
C ILE A 32 -0.62 -28.27 9.13
N ALA A 33 -0.63 -29.33 8.31
CA ALA A 33 -1.89 -29.89 7.83
C ALA A 33 -2.72 -30.43 8.97
N LYS A 34 -2.08 -31.12 9.92
CA LYS A 34 -2.80 -31.59 11.10
C LYS A 34 -3.35 -30.42 11.91
N PHE A 35 -2.55 -29.37 12.08
CA PHE A 35 -3.02 -28.17 12.78
C PHE A 35 -4.15 -27.51 11.99
N PHE A 36 -4.01 -27.46 10.65
CA PHE A 36 -5.08 -26.92 9.83
C PHE A 36 -6.34 -27.78 9.93
N ASN A 37 -6.17 -29.10 10.00
CA ASN A 37 -7.33 -29.97 10.18
C ASN A 37 -7.89 -29.88 11.60
N SER A 38 -7.02 -29.59 12.58
CA SER A 38 -7.47 -29.52 13.97
C SER A 38 -8.48 -28.39 14.16
N VAL A 39 -8.20 -27.21 13.60
CA VAL A 39 -9.12 -26.09 13.75
C VAL A 39 -10.38 -26.27 12.91
N ARG A 40 -10.33 -27.14 11.89
CA ARG A 40 -11.49 -27.33 11.03
C ARG A 40 -12.59 -28.09 11.74
N LYS A 41 -12.25 -29.16 12.45
CA LYS A 41 -13.25 -30.00 13.09
C LYS A 41 -13.69 -29.46 14.45
N THR A 42 -13.02 -28.43 14.97
CA THR A 42 -13.38 -27.87 16.26
C THR A 42 -14.45 -26.80 16.10
N SER B 4 -20.78 -19.46 29.63
CA SER B 4 -19.36 -19.67 29.36
C SER B 4 -18.64 -18.33 29.15
N MET B 5 -18.84 -17.73 27.99
CA MET B 5 -18.21 -16.45 27.67
C MET B 5 -19.04 -15.26 28.08
N LYS B 6 -20.23 -15.46 28.62
CA LYS B 6 -21.07 -14.33 29.01
C LYS B 6 -20.44 -13.46 30.09
N PRO B 7 -19.97 -13.98 31.23
CA PRO B 7 -19.37 -13.09 32.22
C PRO B 7 -18.04 -12.53 31.78
N HIS B 8 -17.25 -13.30 31.02
CA HIS B 8 -15.97 -12.81 30.54
C HIS B 8 -16.12 -11.75 29.46
N LEU B 9 -17.26 -11.72 28.78
CA LEU B 9 -17.56 -10.63 27.85
C LEU B 9 -18.18 -9.44 28.54
N ALA B 10 -18.96 -9.68 29.59
CA ALA B 10 -19.46 -8.56 30.39
C ALA B 10 -18.31 -7.82 31.07
N GLU B 11 -17.33 -8.57 31.58
CA GLU B 11 -16.20 -7.94 32.26
C GLU B 11 -15.22 -7.31 31.26
N LEU B 12 -15.00 -7.96 30.12
CA LEU B 12 -14.05 -7.42 29.14
C LEU B 12 -14.55 -6.11 28.56
N ARG B 13 -15.85 -5.97 28.39
CA ARG B 13 -16.40 -4.75 27.80
C ARG B 13 -16.16 -3.54 28.68
N GLN B 14 -16.38 -3.69 29.99
CA GLN B 14 -16.24 -2.55 30.89
C GLN B 14 -14.79 -2.18 31.14
N ARG B 15 -13.84 -3.06 30.80
CA ARG B 15 -12.42 -2.71 30.86
C ARG B 15 -11.92 -2.14 29.56
N LEU B 16 -12.42 -2.64 28.42
CA LEU B 16 -12.09 -2.03 27.14
C LEU B 16 -12.63 -0.61 27.07
N ALA B 17 -13.79 -0.36 27.67
CA ALA B 17 -14.32 1.00 27.73
C ALA B 17 -13.38 1.93 28.50
N ILE B 18 -12.88 1.47 29.64
CA ILE B 18 -11.97 2.30 30.43
C ILE B 18 -10.68 2.54 29.67
N SER B 19 -10.18 1.52 28.98
CA SER B 19 -8.96 1.69 28.19
C SER B 19 -9.17 2.71 27.07
N VAL B 20 -10.31 2.65 26.39
CA VAL B 20 -10.58 3.61 25.31
C VAL B 20 -10.72 5.01 25.86
N LEU B 21 -11.37 5.16 27.02
CA LEU B 21 -11.48 6.46 27.65
C LEU B 21 -10.09 7.01 28.01
N ALA B 22 -9.23 6.15 28.53
CA ALA B 22 -7.86 6.57 28.86
C ALA B 22 -7.10 7.01 27.62
N VAL B 23 -7.27 6.27 26.52
CA VAL B 23 -6.62 6.65 25.27
C VAL B 23 -7.12 8.01 24.78
N PHE B 24 -8.43 8.26 24.89
CA PHE B 24 -8.98 9.53 24.46
C PHE B 24 -8.47 10.68 25.32
N VAL B 25 -8.42 10.48 26.64
CA VAL B 25 -7.91 11.52 27.54
C VAL B 25 -6.44 11.79 27.26
N GLY B 26 -5.66 10.73 27.03
CA GLY B 26 -4.27 10.92 26.67
C GLY B 26 -4.11 11.66 25.35
N PHE B 27 -4.97 11.37 24.38
CA PHE B 27 -4.93 12.09 23.12
C PHE B 27 -5.20 13.58 23.32
N ILE B 28 -6.19 13.91 24.14
CA ILE B 28 -6.49 15.32 24.41
C ILE B 28 -5.30 15.99 25.08
N ILE B 29 -4.73 15.34 26.10
CA ILE B 29 -3.60 15.93 26.82
C ILE B 29 -2.41 16.11 25.90
N ALA B 30 -2.12 15.13 25.05
CA ALA B 30 -1.01 15.24 24.11
C ALA B 30 -1.25 16.34 23.08
N PHE B 31 -2.48 16.48 22.60
CA PHE B 31 -2.76 17.53 21.63
C PHE B 31 -2.67 18.91 22.25
N THR B 32 -2.94 19.02 23.55
CA THR B 32 -2.74 20.29 24.23
C THR B 32 -1.27 20.70 24.21
N PHE B 33 -0.36 19.73 24.11
CA PHE B 33 1.07 19.99 24.08
C PHE B 33 1.72 19.39 22.84
N HIS B 34 1.04 19.47 21.69
CA HIS B 34 1.57 18.85 20.48
C HIS B 34 2.82 19.56 19.99
N ASN B 35 2.93 20.87 20.20
CA ASN B 35 4.11 21.60 19.75
C ASN B 35 5.35 21.10 20.46
N ALA B 36 5.27 20.86 21.77
CA ALA B 36 6.43 20.39 22.52
C ALA B 36 6.86 19.01 22.06
N ILE B 37 5.91 18.11 21.84
CA ILE B 37 6.27 16.75 21.41
C ILE B 37 6.85 16.78 20.00
N LEU B 38 6.30 17.61 19.12
CA LEU B 38 6.84 17.71 17.77
C LEU B 38 8.24 18.31 17.79
N GLY B 39 8.48 19.29 18.65
CA GLY B 39 9.84 19.81 18.79
C GLY B 39 10.81 18.78 19.32
N TRP B 40 10.37 17.98 20.28
CA TRP B 40 11.21 16.89 20.80
C TRP B 40 11.51 15.88 19.70
N ILE B 41 10.53 15.58 18.86
CA ILE B 41 10.72 14.58 17.80
C ILE B 41 11.65 15.11 16.72
N THR B 42 11.47 16.37 16.31
CA THR B 42 12.22 16.94 15.20
C THR B 42 13.54 17.58 15.63
N LYS B 43 13.83 17.62 16.93
CA LYS B 43 15.11 18.17 17.38
C LYS B 43 16.31 17.45 16.80
N PRO B 44 16.38 16.10 16.80
CA PRO B 44 17.52 15.44 16.17
C PRO B 44 17.66 15.74 14.69
N LEU B 45 16.56 15.86 13.96
CA LEU B 45 16.64 16.12 12.53
C LEU B 45 17.21 17.50 12.24
N ASN B 46 16.80 18.50 13.02
CA ASN B 46 17.36 19.85 12.83
C ASN B 46 18.85 19.87 13.13
N ASN B 47 19.28 19.19 14.20
CA ASN B 47 20.70 19.14 14.51
C ASN B 47 21.49 18.44 13.41
N ALA B 48 20.96 17.33 12.91
CA ALA B 48 21.63 16.62 11.82
C ALA B 48 21.73 17.49 10.57
N LEU B 49 20.65 18.20 10.23
CA LEU B 49 20.68 19.06 9.06
C LEU B 49 21.67 20.20 9.23
N ILE B 50 21.74 20.79 10.42
CA ILE B 50 22.69 21.88 10.65
C ILE B 50 24.14 21.37 10.55
N GLN B 51 24.42 20.21 11.16
CA GLN B 51 25.76 19.65 11.07
C GLN B 51 26.15 19.30 9.63
N VAL B 52 25.25 18.67 8.88
CA VAL B 52 25.53 18.35 7.49
C VAL B 52 25.70 19.63 6.67
N GLY B 53 24.93 20.68 6.98
CA GLY B 53 25.11 21.93 6.30
C GLY B 53 26.47 22.54 6.55
N LYS B 54 26.94 22.47 7.80
CA LYS B 54 28.28 22.96 8.10
C LYS B 54 29.34 22.18 7.34
N ILE B 55 29.22 20.84 7.30
CA ILE B 55 30.17 20.03 6.55
C ILE B 55 30.16 20.38 5.07
N VAL B 56 28.96 20.55 4.51
CA VAL B 56 28.83 20.85 3.08
C VAL B 56 29.42 22.21 2.75
N GLU B 57 29.10 23.22 3.58
CA GLU B 57 29.56 24.57 3.31
C GLU B 57 31.03 24.73 3.63
N LYS B 58 31.61 23.76 4.34
CA LYS B 58 33.05 23.69 4.48
C LYS B 58 33.74 23.01 3.31
N ARG B 59 33.14 21.94 2.77
CA ARG B 59 33.71 21.32 1.58
C ARG B 59 33.65 22.26 0.37
N GLU B 60 32.52 22.97 0.22
CA GLU B 60 32.35 23.87 -0.91
C GLU B 60 33.36 25.02 -0.88
N MET B 61 33.62 25.57 0.30
CA MET B 61 34.59 26.65 0.45
C MET B 61 36.01 26.12 0.32
N ASN B 156 19.86 24.27 0.02
CA ASN B 156 19.89 23.89 1.43
C ASN B 156 18.74 22.94 1.76
N GLY B 157 18.75 22.41 2.97
CA GLY B 157 17.74 21.46 3.41
C GLY B 157 17.12 21.88 4.73
N MET B 158 15.84 21.57 4.88
CA MET B 158 15.10 21.84 6.11
C MET B 158 13.83 20.99 6.10
N ILE B 159 13.14 20.98 7.25
CA ILE B 159 11.93 20.18 7.36
C ILE B 159 10.83 20.83 6.55
N THR B 160 10.19 20.04 5.69
CA THR B 160 9.11 20.51 4.83
C THR B 160 7.87 19.67 5.07
N THR B 161 6.80 19.99 4.34
CA THR B 161 5.57 19.21 4.35
C THR B 161 5.01 19.20 2.94
N HIS B 162 4.84 18.00 2.38
CA HIS B 162 4.41 17.86 1.00
C HIS B 162 2.91 17.58 0.87
N GLN B 163 2.17 17.60 1.98
CA GLN B 163 0.73 17.44 1.95
C GLN B 163 0.07 18.67 2.58
N VAL B 164 -1.11 19.00 2.08
CA VAL B 164 -1.85 20.16 2.61
C VAL B 164 -2.22 19.92 4.07
N GLY B 165 -2.67 18.71 4.38
CA GLY B 165 -3.03 18.37 5.75
C GLY B 165 -1.89 17.68 6.48
N GLY B 166 -0.68 17.86 5.97
CA GLY B 166 0.46 17.15 6.54
C GLY B 166 0.75 17.55 7.97
N ALA B 167 0.77 18.86 8.25
CA ALA B 167 1.09 19.31 9.60
C ALA B 167 0.02 18.88 10.59
N PHE B 168 -1.25 19.06 10.23
CA PHE B 168 -2.33 18.68 11.14
C PHE B 168 -2.36 17.18 11.36
N PHE B 169 -2.17 16.38 10.31
CA PHE B 169 -2.17 14.94 10.47
C PHE B 169 -0.98 14.47 11.29
N VAL B 170 0.19 15.10 11.10
CA VAL B 170 1.36 14.75 11.91
C VAL B 170 1.12 15.08 13.38
N ALA B 171 0.53 16.24 13.65
CA ALA B 171 0.22 16.59 15.03
C ALA B 171 -0.76 15.59 15.64
N LEU B 172 -1.80 15.21 14.87
CA LEU B 172 -2.76 14.24 15.37
C LEU B 172 -2.11 12.88 15.62
N LYS B 173 -1.22 12.45 14.72
CA LYS B 173 -0.59 11.15 14.87
C LYS B 173 0.35 11.12 16.08
N VAL B 174 1.14 12.17 16.24
CA VAL B 174 2.05 12.26 17.38
C VAL B 174 1.24 12.30 18.68
N SER B 175 0.14 13.07 18.67
CA SER B 175 -0.70 13.14 19.86
C SER B 175 -1.36 11.80 20.15
N PHE B 176 -1.76 11.07 19.12
CA PHE B 176 -2.35 9.74 19.31
C PHE B 176 -1.34 8.77 19.92
N PHE B 177 -0.11 8.78 19.41
CA PHE B 177 0.91 7.90 19.96
C PHE B 177 1.23 8.26 21.41
N ALA B 178 1.34 9.56 21.71
CA ALA B 178 1.60 9.97 23.08
C ALA B 178 0.43 9.62 23.98
N GLY B 179 -0.80 9.70 23.47
CA GLY B 179 -1.95 9.32 24.27
C GLY B 179 -1.99 7.85 24.57
N ILE B 180 -1.65 7.02 23.58
CA ILE B 180 -1.57 5.58 23.83
C ILE B 180 -0.50 5.28 24.86
N LEU B 181 0.66 5.93 24.74
CA LEU B 181 1.73 5.72 25.72
C LEU B 181 1.30 6.15 27.11
N MET B 182 0.60 7.28 27.23
CA MET B 182 0.12 7.76 28.53
C MET B 182 -0.98 6.90 29.10
N ALA B 183 -1.81 6.29 28.26
CA ALA B 183 -2.87 5.40 28.71
C ALA B 183 -2.39 3.98 28.93
N MET B 184 -1.16 3.65 28.54
CA MET B 184 -0.61 2.32 28.78
C MET B 184 -0.68 1.87 30.23
N PRO B 185 -0.35 2.70 31.23
CA PRO B 185 -0.54 2.25 32.62
C PRO B 185 -1.98 1.88 32.93
N VAL B 186 -2.96 2.63 32.43
CA VAL B 186 -4.35 2.27 32.65
C VAL B 186 -4.71 1.03 31.86
N ILE B 187 -4.22 0.92 30.62
CA ILE B 187 -4.47 -0.26 29.80
C ILE B 187 -3.89 -1.49 30.48
N LEU B 188 -2.66 -1.40 31.00
CA LEU B 188 -2.03 -2.54 31.63
C LEU B 188 -2.70 -2.88 32.95
N TRP B 189 -3.14 -1.86 33.70
CA TRP B 189 -3.84 -2.12 34.95
C TRP B 189 -5.17 -2.83 34.70
N GLN B 190 -5.90 -2.41 33.66
CA GLN B 190 -7.13 -3.11 33.29
C GLN B 190 -6.84 -4.51 32.79
N LEU B 191 -5.76 -4.69 32.04
CA LEU B 191 -5.38 -6.02 31.58
C LEU B 191 -5.06 -6.95 32.75
N TRP B 192 -4.33 -6.43 33.74
CA TRP B 192 -3.99 -7.28 34.88
C TRP B 192 -5.22 -7.67 35.66
N LEU B 193 -6.15 -6.73 35.88
CA LEU B 193 -7.36 -7.05 36.64
C LEU B 193 -8.20 -8.09 35.93
N PHE B 194 -8.12 -8.17 34.61
CA PHE B 194 -8.87 -9.16 33.86
C PHE B 194 -8.28 -10.56 33.99
N ILE B 195 -6.97 -10.68 34.18
CA ILE B 195 -6.31 -11.97 34.27
C ILE B 195 -5.79 -12.28 35.66
N ALA B 196 -5.93 -11.36 36.61
CA ALA B 196 -5.39 -11.60 37.96
C ALA B 196 -6.01 -12.81 38.64
N PRO B 197 -7.34 -13.00 38.67
CA PRO B 197 -7.88 -14.23 39.26
C PRO B 197 -7.43 -15.49 38.56
N GLY B 198 -7.22 -15.43 37.25
CA GLY B 198 -6.82 -16.63 36.51
C GLY B 198 -5.45 -17.13 36.90
N LEU B 199 -4.49 -16.20 37.04
CA LEU B 199 -3.13 -16.58 37.41
C LEU B 199 -3.08 -17.10 38.84
N TYR B 200 -2.32 -18.17 39.04
CA TYR B 200 -2.16 -18.75 40.35
C TYR B 200 -1.27 -17.86 41.22
N ASP B 201 -1.36 -18.07 42.54
CA ASP B 201 -0.57 -17.27 43.47
C ASP B 201 0.92 -17.54 43.29
N ASN B 202 1.27 -18.69 42.73
CA ASN B 202 2.68 -19.02 42.51
C ASN B 202 3.33 -18.07 41.52
N GLU B 203 2.67 -17.82 40.39
CA GLU B 203 3.21 -16.94 39.36
C GLU B 203 2.60 -15.54 39.39
N LYS B 204 1.76 -15.23 40.38
CA LYS B 204 1.22 -13.88 40.45
C LYS B 204 2.26 -12.88 40.95
N LYS B 205 3.24 -13.35 41.73
CA LYS B 205 4.30 -12.49 42.23
C LYS B 205 5.43 -12.31 41.23
N MET B 206 5.35 -12.94 40.07
CA MET B 206 6.35 -12.78 39.02
C MET B 206 5.87 -11.82 37.93
N VAL B 207 4.59 -11.46 37.90
CA VAL B 207 4.06 -10.62 36.85
C VAL B 207 4.37 -9.15 37.09
N LEU B 208 4.16 -8.67 38.32
CA LEU B 208 4.46 -7.27 38.63
C LEU B 208 5.94 -6.95 38.45
N PRO B 209 6.89 -7.75 38.97
CA PRO B 209 8.30 -7.50 38.61
C PRO B 209 8.54 -7.60 37.12
N PHE B 210 7.88 -8.53 36.42
CA PHE B 210 8.07 -8.63 34.98
C PHE B 210 7.56 -7.37 34.27
N VAL B 211 6.40 -6.87 34.70
CA VAL B 211 5.86 -5.67 34.09
C VAL B 211 6.77 -4.48 34.34
N VAL B 212 7.26 -4.33 35.58
CA VAL B 212 8.14 -3.22 35.91
C VAL B 212 9.43 -3.31 35.08
N GLY B 213 10.01 -4.50 35.01
CA GLY B 213 11.25 -4.66 34.25
C GLY B 213 11.06 -4.41 32.77
N GLY B 214 9.98 -4.93 32.19
CA GLY B 214 9.72 -4.69 30.78
C GLY B 214 9.48 -3.22 30.49
N SER B 215 8.73 -2.53 31.35
CA SER B 215 8.50 -1.10 31.15
C SER B 215 9.80 -0.31 31.25
N VAL B 216 10.62 -0.60 32.26
CA VAL B 216 11.86 0.15 32.43
C VAL B 216 12.81 -0.14 31.27
N MET B 217 12.82 -1.37 30.76
CA MET B 217 13.69 -1.69 29.64
C MET B 217 13.21 -1.05 28.35
N PHE B 218 11.90 -0.99 28.14
CA PHE B 218 11.37 -0.28 26.98
C PHE B 218 11.71 1.20 27.04
N LEU B 219 11.58 1.80 28.23
CA LEU B 219 11.95 3.21 28.37
C LEU B 219 13.43 3.43 28.13
N ILE B 220 14.27 2.53 28.64
CA ILE B 220 15.71 2.64 28.40
C ILE B 220 16.01 2.50 26.91
N GLY B 221 15.33 1.59 26.23
CA GLY B 221 15.53 1.44 24.80
C GLY B 221 15.13 2.68 24.01
N VAL B 222 13.98 3.28 24.36
CA VAL B 222 13.54 4.48 23.67
C VAL B 222 14.52 5.64 23.91
N LEU B 223 14.94 5.82 25.16
CA LEU B 223 15.90 6.87 25.47
C LEU B 223 17.23 6.64 24.77
N PHE B 224 17.68 5.38 24.71
CA PHE B 224 18.91 5.05 23.99
C PHE B 224 18.80 5.37 22.51
N ALA B 225 17.68 5.00 21.90
CA ALA B 225 17.49 5.30 20.48
C ALA B 225 17.46 6.79 20.24
N TYR B 226 16.85 7.55 21.15
CA TYR B 226 16.75 8.99 20.95
C TYR B 226 18.07 9.72 21.18
N TYR B 227 18.83 9.33 22.20
CA TYR B 227 19.96 10.13 22.65
C TYR B 227 21.32 9.60 22.21
N VAL B 228 21.44 8.32 21.89
CA VAL B 228 22.71 7.73 21.51
C VAL B 228 22.73 7.30 20.05
N VAL B 229 21.71 6.55 19.62
CA VAL B 229 21.68 6.03 18.26
C VAL B 229 21.33 7.11 17.25
N THR B 230 20.27 7.87 17.52
CA THR B 230 19.78 8.84 16.54
C THR B 230 20.79 9.94 16.19
N PRO B 231 21.49 10.58 17.14
CA PRO B 231 22.41 11.65 16.74
C PRO B 231 23.48 11.22 15.74
N PHE B 232 23.96 9.98 15.84
CA PHE B 232 24.95 9.50 14.87
C PHE B 232 24.27 8.97 13.61
N GLY B 233 23.17 8.23 13.78
CA GLY B 233 22.53 7.61 12.63
C GLY B 233 21.96 8.62 11.65
N PHE B 234 21.24 9.62 12.17
CA PHE B 234 20.66 10.62 11.29
C PHE B 234 21.73 11.42 10.57
N GLN B 235 22.79 11.81 11.30
CA GLN B 235 23.87 12.56 10.68
C GLN B 235 24.55 11.75 9.58
N PHE B 236 24.82 10.46 9.84
CA PHE B 236 25.45 9.62 8.84
C PHE B 236 24.55 9.43 7.63
N LEU B 237 23.25 9.20 7.85
CA LEU B 237 22.33 9.00 6.74
C LEU B 237 22.21 10.26 5.88
N ILE B 238 22.14 11.43 6.50
CA ILE B 238 22.04 12.66 5.72
C ILE B 238 23.36 12.94 5.00
N THR B 239 24.49 12.68 5.65
CA THR B 239 25.79 12.88 5.01
C THR B 239 26.03 11.88 3.87
N PHE B 240 25.30 10.77 3.86
CA PHE B 240 25.46 9.79 2.79
C PHE B 240 25.08 10.39 1.44
N GLY B 241 24.00 11.17 1.39
CA GLY B 241 23.58 11.78 0.16
C GLY B 241 23.68 13.30 0.17
N SER B 242 24.73 13.82 0.79
CA SER B 242 24.93 15.26 0.84
C SER B 242 25.64 15.80 -0.39
N PHE B 243 26.47 14.99 -1.05
CA PHE B 243 27.20 15.41 -2.22
C PHE B 243 26.47 15.13 -3.53
N LEU B 244 25.31 14.48 -3.49
CA LEU B 244 24.51 14.26 -4.69
C LEU B 244 23.13 14.91 -4.62
N TYR B 245 22.42 14.75 -3.51
CA TYR B 245 21.04 15.18 -3.41
C TYR B 245 20.89 16.29 -2.37
N THR B 246 19.75 16.97 -2.43
CA THR B 246 19.37 17.99 -1.48
C THR B 246 18.38 17.42 -0.48
N PRO B 247 18.69 17.38 0.81
CA PRO B 247 17.80 16.73 1.77
C PRO B 247 16.58 17.56 2.12
N LEU B 248 15.52 17.46 1.31
CA LEU B 248 14.27 18.14 1.60
C LEU B 248 13.33 17.19 2.35
N ILE B 249 13.65 16.98 3.62
CA ILE B 249 12.95 16.00 4.43
C ILE B 249 11.54 16.50 4.74
N ASN B 250 10.55 15.62 4.55
CA ASN B 250 9.16 15.94 4.82
C ASN B 250 8.74 15.33 6.15
N ILE B 251 7.87 16.05 6.87
CA ILE B 251 7.53 15.64 8.23
C ILE B 251 6.68 14.38 8.25
N GLU B 252 5.86 14.17 7.23
CA GLU B 252 4.91 13.05 7.26
C GLU B 252 5.64 11.71 7.33
N ASP B 253 6.60 11.49 6.44
CA ASP B 253 7.37 10.25 6.48
C ASP B 253 8.40 10.23 7.59
N TYR B 254 8.94 11.39 7.96
CA TYR B 254 9.93 11.44 9.04
C TYR B 254 9.32 11.00 10.36
N VAL B 255 8.09 11.43 10.64
CA VAL B 255 7.46 11.06 11.91
C VAL B 255 7.28 9.54 12.00
N GLY B 256 6.80 8.94 10.91
CA GLY B 256 6.67 7.49 10.89
C GLY B 256 8.00 6.78 11.05
N PHE B 257 9.03 7.26 10.36
CA PHE B 257 10.36 6.65 10.46
C PHE B 257 10.91 6.76 11.88
N PHE B 258 10.77 7.93 12.49
CA PHE B 258 11.31 8.14 13.83
C PHE B 258 10.56 7.34 14.88
N THR B 259 9.23 7.31 14.79
CA THR B 259 8.45 6.50 15.72
C THR B 259 8.74 5.01 15.54
N LYS B 260 8.93 4.56 14.30
CA LYS B 260 9.31 3.17 14.07
C LYS B 260 10.67 2.87 14.70
N ILE B 261 11.64 3.77 14.55
CA ILE B 261 12.95 3.55 15.16
C ILE B 261 12.83 3.46 16.68
N LEU B 262 12.10 4.39 17.29
CA LEU B 262 11.97 4.41 18.74
C LEU B 262 11.26 3.15 19.24
N ILE B 263 10.16 2.77 18.59
CA ILE B 263 9.42 1.58 19.02
C ILE B 263 10.26 0.32 18.82
N GLY B 264 10.94 0.22 17.68
CA GLY B 264 11.74 -0.96 17.42
C GLY B 264 12.90 -1.10 18.38
N PHE B 265 13.51 0.00 18.78
CA PHE B 265 14.58 -0.08 19.77
C PHE B 265 14.03 -0.36 21.17
N GLY B 266 12.82 0.13 21.46
CA GLY B 266 12.21 -0.20 22.75
C GLY B 266 11.91 -1.68 22.88
N ILE B 267 11.30 -2.27 21.85
CA ILE B 267 11.03 -3.71 21.88
C ILE B 267 12.33 -4.50 21.78
N ALA B 268 13.29 -4.00 20.99
CA ALA B 268 14.55 -4.71 20.82
C ALA B 268 15.35 -4.80 22.11
N PHE B 269 15.02 -3.99 23.11
CA PHE B 269 15.58 -4.16 24.44
C PHE B 269 14.72 -5.07 25.31
N GLU B 270 13.44 -5.23 24.98
CA GLU B 270 12.55 -6.12 25.72
C GLU B 270 12.75 -7.59 25.36
N LEU B 271 13.24 -7.86 24.15
CA LEU B 271 13.54 -9.24 23.78
C LEU B 271 14.66 -9.87 24.62
N PRO B 272 15.80 -9.21 24.86
CA PRO B 272 16.83 -9.81 25.71
C PRO B 272 16.49 -9.88 27.18
N VAL B 273 15.39 -9.27 27.64
CA VAL B 273 14.97 -9.39 29.03
C VAL B 273 13.81 -10.36 29.21
N VAL B 274 12.97 -10.56 28.20
CA VAL B 274 11.98 -11.63 28.25
C VAL B 274 12.67 -12.98 28.33
N ALA B 275 13.69 -13.19 27.50
CA ALA B 275 14.46 -14.42 27.57
C ALA B 275 15.15 -14.58 28.91
N TYR B 276 15.70 -13.50 29.46
CA TYR B 276 16.34 -13.55 30.76
C TYR B 276 15.34 -13.91 31.86
N PHE B 277 14.14 -13.31 31.81
CA PHE B 277 13.11 -13.64 32.79
C PHE B 277 12.69 -15.09 32.69
N LEU B 278 12.52 -15.60 31.46
CA LEU B 278 12.19 -17.01 31.28
C LEU B 278 13.30 -17.93 31.75
N ALA B 279 14.56 -17.54 31.58
CA ALA B 279 15.69 -18.37 31.97
C ALA B 279 15.89 -18.42 33.48
N LEU B 280 15.67 -17.29 34.18
CA LEU B 280 15.82 -17.31 35.63
C LEU B 280 14.82 -18.26 36.28
N LEU B 281 13.54 -18.15 35.91
CA LEU B 281 12.55 -19.09 36.44
C LEU B 281 12.83 -20.51 35.96
N GLY B 282 13.19 -20.65 34.69
CA GLY B 282 13.53 -21.93 34.10
C GLY B 282 12.40 -22.51 33.28
N LEU B 283 12.44 -22.27 31.98
CA LEU B 283 11.53 -22.92 31.03
C LEU B 283 12.21 -23.34 29.74
N ILE B 284 13.31 -22.70 29.35
CA ILE B 284 14.05 -23.05 28.15
C ILE B 284 15.54 -22.97 28.47
N THR B 285 16.31 -23.75 27.74
CA THR B 285 17.76 -23.80 27.90
C THR B 285 18.44 -23.42 26.60
N ASP B 286 19.76 -23.54 26.58
CA ASP B 286 20.52 -23.24 25.36
C ASP B 286 20.14 -24.18 24.24
N LYS B 287 20.01 -25.47 24.55
CA LYS B 287 19.66 -26.45 23.52
C LYS B 287 18.30 -26.16 22.91
N THR B 288 17.30 -25.82 23.73
CA THR B 288 15.97 -25.55 23.21
C THR B 288 15.96 -24.33 22.30
N LEU B 289 16.66 -23.27 22.67
CA LEU B 289 16.73 -22.08 21.84
C LEU B 289 17.66 -22.26 20.65
N LYS B 290 18.47 -23.32 20.63
CA LYS B 290 19.36 -23.59 19.50
C LYS B 290 18.74 -24.50 18.45
N ASP B 291 18.08 -25.59 18.86
CA ASP B 291 17.51 -26.52 17.90
C ASP B 291 16.12 -26.10 17.42
N TYR B 292 15.56 -25.03 17.97
CA TYR B 292 14.35 -24.42 17.43
C TYR B 292 14.66 -23.24 16.53
N PHE B 293 15.93 -23.03 16.19
CA PHE B 293 16.29 -21.91 15.31
C PHE B 293 15.76 -22.12 13.90
N LYS B 294 15.57 -23.37 13.48
CA LYS B 294 15.17 -23.65 12.12
C LYS B 294 13.77 -23.11 11.81
N TYR B 295 12.83 -23.30 12.74
CA TYR B 295 11.55 -22.62 12.58
C TYR B 295 11.65 -21.14 12.96
N ALA B 296 12.59 -20.81 13.84
CA ALA B 296 12.70 -19.43 14.32
C ALA B 296 13.07 -18.49 13.20
N ILE B 297 13.89 -18.94 12.25
CA ILE B 297 14.29 -18.08 11.14
C ILE B 297 13.08 -17.82 10.23
N VAL B 298 12.25 -18.83 10.01
CA VAL B 298 11.05 -18.64 9.20
C VAL B 298 10.09 -17.69 9.89
N ILE B 299 9.93 -17.83 11.22
CA ILE B 299 9.07 -16.91 11.95
C ILE B 299 9.62 -15.49 11.90
N ILE B 300 10.95 -15.35 11.98
CA ILE B 300 11.57 -14.03 11.91
C ILE B 300 11.31 -13.40 10.56
N PHE B 301 11.42 -14.17 9.48
CA PHE B 301 11.18 -13.61 8.16
C PHE B 301 9.71 -13.29 7.96
N LEU B 302 8.80 -14.11 8.51
CA LEU B 302 7.38 -13.79 8.47
C LEU B 302 7.09 -12.47 9.18
N LEU B 303 7.68 -12.29 10.36
CA LEU B 303 7.51 -11.03 11.09
C LEU B 303 8.10 -9.85 10.32
N ALA B 304 9.27 -10.05 9.71
CA ALA B 304 9.89 -8.98 8.93
C ALA B 304 9.00 -8.58 7.76
N ALA B 305 8.39 -9.56 7.10
CA ALA B 305 7.45 -9.26 6.03
C ALA B 305 6.24 -8.50 6.58
N PHE B 306 5.77 -8.90 7.77
CA PHE B 306 4.63 -8.22 8.37
C PHE B 306 4.94 -6.76 8.68
N LEU B 307 6.12 -6.48 9.24
CA LEU B 307 6.45 -5.16 9.74
C LEU B 307 7.20 -4.29 8.73
N THR B 308 7.21 -4.65 7.46
CA THR B 308 7.93 -3.88 6.45
C THR B 308 7.05 -3.73 5.22
N PRO B 309 7.33 -2.73 4.39
CA PRO B 309 6.67 -2.65 3.08
C PRO B 309 6.95 -3.89 2.25
N PRO B 310 6.19 -4.11 1.17
CA PRO B 310 6.33 -5.38 0.42
C PRO B 310 7.68 -5.60 -0.24
N ASP B 311 8.63 -4.70 -0.03
CA ASP B 311 9.96 -4.87 -0.61
C ASP B 311 10.73 -5.98 0.10
N VAL B 312 11.50 -6.75 -0.67
CA VAL B 312 12.33 -7.80 -0.09
C VAL B 312 13.49 -7.19 0.69
N LEU B 313 14.05 -6.08 0.20
CA LEU B 313 15.19 -5.47 0.86
C LEU B 313 14.85 -5.05 2.27
N THR B 314 13.66 -4.46 2.46
CA THR B 314 13.22 -4.10 3.80
C THR B 314 13.05 -5.34 4.67
N GLN B 315 12.56 -6.43 4.08
CA GLN B 315 12.42 -7.68 4.81
C GLN B 315 13.76 -8.15 5.36
N LEU B 316 14.79 -8.15 4.50
CA LEU B 316 16.12 -8.58 4.95
C LEU B 316 16.70 -7.61 5.97
N LEU B 317 16.53 -6.31 5.73
CA LEU B 317 17.09 -5.30 6.62
C LEU B 317 16.43 -5.31 7.99
N MET B 318 15.20 -5.81 8.09
CA MET B 318 14.56 -5.98 9.39
C MET B 318 14.79 -7.36 9.98
N ALA B 319 15.05 -8.37 9.15
CA ALA B 319 15.30 -9.71 9.67
C ALA B 319 16.70 -9.83 10.26
N ALA B 320 17.67 -9.10 9.71
CA ALA B 320 19.02 -9.16 10.26
C ALA B 320 19.08 -8.73 11.73
N PRO B 321 18.51 -7.60 12.14
CA PRO B 321 18.51 -7.28 13.58
C PRO B 321 17.81 -8.32 14.43
N LEU B 322 16.74 -8.93 13.91
CA LEU B 322 16.06 -9.98 14.66
C LEU B 322 16.95 -11.20 14.83
N ILE B 323 17.73 -11.56 13.80
CA ILE B 323 18.68 -12.66 13.93
C ILE B 323 19.73 -12.34 14.98
N LEU B 324 20.23 -11.10 14.97
CA LEU B 324 21.20 -10.69 15.98
C LEU B 324 20.61 -10.74 17.38
N LEU B 325 19.34 -10.32 17.53
CA LEU B 325 18.68 -10.40 18.82
C LEU B 325 18.52 -11.84 19.27
N TYR B 326 18.21 -12.74 18.35
CA TYR B 326 18.12 -14.16 18.70
C TYR B 326 19.48 -14.68 19.16
N GLY B 327 20.55 -14.28 18.48
CA GLY B 327 21.88 -14.69 18.93
C GLY B 327 22.21 -14.16 20.32
N LEU B 328 21.86 -12.90 20.58
CA LEU B 328 22.08 -12.33 21.91
C LEU B 328 21.26 -13.08 22.96
N SER B 329 20.04 -13.48 22.61
CA SER B 329 19.23 -14.28 23.52
C SER B 329 19.86 -15.63 23.79
N ILE B 330 20.43 -16.26 22.75
CA ILE B 330 21.15 -17.52 22.94
C ILE B 330 22.30 -17.33 23.92
N LEU B 331 23.06 -16.25 23.75
CA LEU B 331 24.18 -15.99 24.65
C LEU B 331 23.69 -15.74 26.08
N ILE B 332 22.61 -14.98 26.23
CA ILE B 332 22.08 -14.68 27.56
C ILE B 332 21.63 -15.96 28.26
N VAL B 333 20.93 -16.82 27.53
CA VAL B 333 20.50 -18.09 28.12
C VAL B 333 21.69 -18.96 28.45
N HIS B 334 22.74 -18.93 27.62
CA HIS B 334 23.92 -19.74 27.90
C HIS B 334 24.65 -19.26 29.15
N TYR B 335 24.69 -17.94 29.38
CA TYR B 335 25.35 -17.43 30.58
C TYR B 335 24.64 -17.85 31.85
N VAL B 336 23.31 -17.87 31.86
CA VAL B 336 22.56 -18.19 33.07
C VAL B 336 22.69 -19.68 33.39
N MET C 1 -6.23 -6.19 3.90
CA MET C 1 -6.19 -6.94 2.66
C MET C 1 -6.59 -6.06 1.47
N PHE C 2 -7.77 -5.47 1.54
CA PHE C 2 -8.26 -4.57 0.50
C PHE C 2 -8.11 -3.11 0.90
N GLY C 3 -7.15 -2.80 1.76
CA GLY C 3 -7.00 -1.48 2.32
C GLY C 3 -7.13 -1.53 3.83
N MET C 4 -7.33 -2.74 4.35
CA MET C 4 -7.54 -2.97 5.76
C MET C 4 -6.31 -3.66 6.35
N GLY C 5 -5.69 -3.01 7.34
CA GLY C 5 -4.55 -3.57 8.02
C GLY C 5 -4.96 -4.49 9.15
N PHE C 6 -3.95 -5.06 9.82
CA PHE C 6 -4.20 -5.92 10.97
C PHE C 6 -4.72 -5.11 12.15
N SER C 7 -4.04 -4.02 12.48
CA SER C 7 -4.47 -3.17 13.58
C SER C 7 -5.83 -2.57 13.26
N GLU C 8 -6.14 -2.48 11.96
CA GLU C 8 -7.46 -2.08 11.51
C GLU C 8 -8.52 -3.09 11.93
N ILE C 9 -8.18 -4.38 11.87
CA ILE C 9 -9.12 -5.42 12.25
C ILE C 9 -9.48 -5.31 13.73
N LEU C 10 -8.50 -5.08 14.59
CA LEU C 10 -8.74 -5.07 16.03
C LEU C 10 -9.70 -3.97 16.44
N VAL C 11 -9.60 -2.78 15.82
CA VAL C 11 -10.50 -1.69 16.20
C VAL C 11 -11.95 -2.07 15.90
N ILE C 12 -12.20 -2.66 14.74
CA ILE C 12 -13.56 -3.06 14.38
C ILE C 12 -14.11 -4.06 15.39
N ALA C 13 -13.30 -5.04 15.76
CA ALA C 13 -13.71 -5.98 16.81
C ALA C 13 -13.88 -5.26 18.14
N LEU C 14 -13.03 -4.25 18.40
CA LEU C 14 -13.14 -3.50 19.63
C LEU C 14 -14.48 -2.77 19.71
N VAL C 15 -14.94 -2.20 18.59
CA VAL C 15 -16.29 -1.63 18.55
C VAL C 15 -17.34 -2.73 18.70
N ALA C 16 -17.06 -3.92 18.18
CA ALA C 16 -18.03 -5.01 18.25
C ALA C 16 -18.30 -5.41 19.69
N ILE C 17 -17.24 -5.54 20.50
CA ILE C 17 -17.43 -5.92 21.90
C ILE C 17 -18.13 -4.81 22.66
N LEU C 18 -17.73 -3.55 22.45
CA LEU C 18 -18.26 -2.45 23.22
C LEU C 18 -19.75 -2.24 22.99
N PHE C 19 -20.18 -2.26 21.72
CA PHE C 19 -21.54 -1.85 21.40
C PHE C 19 -22.52 -3.02 21.37
N LEU C 20 -22.15 -4.12 20.72
CA LEU C 20 -23.01 -5.31 20.80
C LEU C 20 -23.10 -5.81 22.22
N GLY C 21 -21.98 -5.83 22.95
CA GLY C 21 -21.99 -6.10 24.37
C GLY C 21 -22.05 -7.58 24.70
N PRO C 22 -22.40 -7.89 25.94
CA PRO C 22 -22.45 -9.31 26.35
C PRO C 22 -23.51 -10.09 25.60
N ASP C 23 -24.75 -9.62 25.62
CA ASP C 23 -25.79 -10.20 24.78
C ASP C 23 -25.64 -9.67 23.36
N LYS C 24 -26.38 -10.29 22.45
CA LYS C 24 -26.55 -9.78 21.09
C LYS C 24 -25.28 -9.91 20.25
N LEU C 25 -24.17 -10.27 20.89
CA LEU C 25 -22.96 -10.64 20.16
C LEU C 25 -23.04 -12.11 19.74
N PRO C 26 -23.41 -13.03 20.64
CA PRO C 26 -23.65 -14.40 20.16
C PRO C 26 -24.78 -14.48 19.14
N GLU C 27 -25.80 -13.63 19.28
CA GLU C 27 -26.88 -13.60 18.29
C GLU C 27 -26.35 -13.22 16.92
N ALA C 28 -25.46 -12.22 16.87
CA ALA C 28 -24.84 -11.85 15.60
C ALA C 28 -23.86 -12.93 15.14
N MET C 29 -23.17 -13.59 16.08
CA MET C 29 -22.20 -14.61 15.70
C MET C 29 -22.88 -15.79 15.02
N VAL C 30 -24.02 -16.25 15.55
CA VAL C 30 -24.75 -17.36 14.93
C VAL C 30 -25.51 -16.93 13.69
N GLN C 31 -25.81 -15.64 13.54
CA GLN C 31 -26.41 -15.14 12.32
C GLN C 31 -25.39 -15.04 11.19
N ILE C 32 -24.16 -14.62 11.51
CA ILE C 32 -23.10 -14.58 10.51
C ILE C 32 -22.76 -15.99 10.04
N ALA C 33 -22.67 -16.93 10.97
CA ALA C 33 -22.40 -18.32 10.61
C ALA C 33 -23.52 -18.90 9.75
N LYS C 34 -24.77 -18.60 10.11
CA LYS C 34 -25.90 -19.04 9.30
C LYS C 34 -25.86 -18.42 7.92
N PHE C 35 -25.55 -17.12 7.84
CA PHE C 35 -25.38 -16.47 6.54
C PHE C 35 -24.21 -17.07 5.78
N PHE C 36 -23.11 -17.35 6.48
CA PHE C 36 -21.98 -18.00 5.84
C PHE C 36 -22.35 -19.40 5.35
N ASN C 37 -23.13 -20.13 6.14
CA ASN C 37 -23.60 -21.44 5.70
C ASN C 37 -24.63 -21.33 4.58
N SER C 38 -25.41 -20.24 4.56
CA SER C 38 -26.44 -20.09 3.54
C SER C 38 -25.84 -19.99 2.15
N VAL C 39 -24.77 -19.21 1.98
CA VAL C 39 -24.15 -19.08 0.67
C VAL C 39 -23.37 -20.33 0.30
N ARG C 40 -22.99 -21.16 1.28
CA ARG C 40 -22.22 -22.36 0.97
C ARG C 40 -23.07 -23.42 0.28
N LYS C 41 -24.30 -23.65 0.77
CA LYS C 41 -25.14 -24.69 0.21
C LYS C 41 -25.87 -24.25 -1.05
N THR C 42 -25.89 -22.95 -1.34
CA THR C 42 -26.57 -22.46 -2.53
C THR C 42 -25.68 -22.56 -3.77
N MET D 1 -5.57 -7.22 -2.83
CA MET D 1 -4.94 -8.05 -1.80
C MET D 1 -3.44 -8.11 -1.98
N PHE D 2 -3.00 -8.47 -3.19
CA PHE D 2 -1.57 -8.52 -3.53
C PHE D 2 -1.16 -7.37 -4.43
N GLY D 3 -1.81 -6.21 -4.28
CA GLY D 3 -1.60 -5.10 -5.18
C GLY D 3 -2.84 -4.84 -6.01
N MET D 4 -3.91 -5.57 -5.69
CA MET D 4 -5.16 -5.52 -6.43
C MET D 4 -6.23 -4.90 -5.54
N GLY D 5 -6.80 -3.78 -5.99
CA GLY D 5 -7.86 -3.12 -5.26
C GLY D 5 -9.22 -3.70 -5.60
N PHE D 6 -10.24 -3.19 -4.92
CA PHE D 6 -11.61 -3.61 -5.23
C PHE D 6 -12.01 -3.13 -6.61
N SER D 7 -11.82 -1.83 -6.88
CA SER D 7 -12.10 -1.26 -8.19
C SER D 7 -11.25 -1.91 -9.26
N GLU D 8 -10.10 -2.46 -8.86
CA GLU D 8 -9.28 -3.24 -9.76
C GLU D 8 -10.01 -4.50 -10.21
N ILE D 9 -10.71 -5.15 -9.28
CA ILE D 9 -11.42 -6.39 -9.58
C ILE D 9 -12.56 -6.16 -10.55
N LEU D 10 -13.36 -5.11 -10.34
CA LEU D 10 -14.51 -4.87 -11.20
C LEU D 10 -14.10 -4.65 -12.65
N VAL D 11 -12.96 -3.98 -12.88
CA VAL D 11 -12.48 -3.80 -14.24
C VAL D 11 -12.15 -5.15 -14.87
N ILE D 12 -11.49 -6.03 -14.11
CA ILE D 12 -11.18 -7.37 -14.60
C ILE D 12 -12.47 -8.12 -14.93
N ALA D 13 -13.47 -8.01 -14.04
CA ALA D 13 -14.76 -8.63 -14.33
C ALA D 13 -15.44 -7.98 -15.53
N LEU D 14 -15.30 -6.66 -15.66
CA LEU D 14 -15.92 -5.96 -16.78
C LEU D 14 -15.36 -6.45 -18.11
N VAL D 15 -14.05 -6.68 -18.18
CA VAL D 15 -13.46 -7.26 -19.38
C VAL D 15 -14.00 -8.66 -19.61
N ALA D 16 -14.19 -9.42 -18.54
CA ALA D 16 -14.69 -10.79 -18.67
C ALA D 16 -16.09 -10.80 -19.28
N ILE D 17 -17.00 -9.98 -18.77
CA ILE D 17 -18.35 -9.93 -19.30
C ILE D 17 -18.33 -9.38 -20.72
N LEU D 18 -17.55 -8.34 -20.97
CA LEU D 18 -17.61 -7.65 -22.26
C LEU D 18 -17.06 -8.51 -23.38
N PHE D 19 -15.94 -9.22 -23.13
CA PHE D 19 -15.26 -9.96 -24.19
C PHE D 19 -15.73 -11.39 -24.32
N LEU D 20 -15.80 -12.13 -23.20
CA LEU D 20 -16.33 -13.48 -23.26
C LEU D 20 -17.79 -13.48 -23.70
N GLY D 21 -18.57 -12.52 -23.20
CA GLY D 21 -19.89 -12.28 -23.71
C GLY D 21 -20.95 -13.21 -23.16
N PRO D 22 -22.06 -13.35 -23.89
CA PRO D 22 -23.15 -14.21 -23.41
C PRO D 22 -22.75 -15.67 -23.32
N ASP D 23 -22.26 -16.23 -24.42
CA ASP D 23 -21.71 -17.57 -24.41
C ASP D 23 -20.28 -17.53 -23.91
N LYS D 24 -19.73 -18.73 -23.65
CA LYS D 24 -18.31 -18.91 -23.39
C LYS D 24 -17.92 -18.37 -22.02
N LEU D 25 -18.83 -17.66 -21.37
CA LEU D 25 -18.67 -17.26 -19.97
C LEU D 25 -19.10 -18.39 -19.05
N PRO D 26 -20.26 -19.03 -19.27
CA PRO D 26 -20.56 -20.24 -18.47
C PRO D 26 -19.55 -21.35 -18.68
N GLU D 27 -19.00 -21.49 -19.89
CA GLU D 27 -17.96 -22.48 -20.12
C GLU D 27 -16.72 -22.17 -19.29
N ALA D 28 -16.35 -20.89 -19.20
CA ALA D 28 -15.23 -20.50 -18.36
C ALA D 28 -15.53 -20.73 -16.89
N MET D 29 -16.77 -20.48 -16.46
CA MET D 29 -17.12 -20.64 -15.06
C MET D 29 -17.01 -22.09 -14.61
N VAL D 30 -17.50 -23.02 -15.43
CA VAL D 30 -17.42 -24.45 -15.09
C VAL D 30 -16.01 -25.00 -15.25
N GLN D 31 -15.17 -24.37 -16.07
CA GLN D 31 -13.77 -24.78 -16.18
C GLN D 31 -12.95 -24.31 -14.99
N ILE D 32 -13.22 -23.10 -14.51
CA ILE D 32 -12.53 -22.62 -13.31
C ILE D 32 -12.93 -23.45 -12.09
N ALA D 33 -14.22 -23.76 -11.96
CA ALA D 33 -14.67 -24.59 -10.84
C ALA D 33 -14.07 -25.98 -10.93
N LYS D 34 -13.99 -26.56 -12.13
CA LYS D 34 -13.35 -27.86 -12.30
C LYS D 34 -11.88 -27.80 -11.93
N PHE D 35 -11.19 -26.73 -12.36
CA PHE D 35 -9.80 -26.55 -11.97
C PHE D 35 -9.68 -26.33 -10.46
N PHE D 36 -10.60 -25.56 -9.89
CA PHE D 36 -10.60 -25.38 -8.44
C PHE D 36 -10.87 -26.70 -7.73
N ASN D 37 -11.78 -27.52 -8.28
CA ASN D 37 -12.03 -28.83 -7.71
C ASN D 37 -10.84 -29.77 -7.93
N SER D 38 -10.13 -29.61 -9.05
CA SER D 38 -9.01 -30.50 -9.35
C SER D 38 -7.91 -30.39 -8.32
N VAL D 39 -7.56 -29.17 -7.91
CA VAL D 39 -6.50 -29.00 -6.91
C VAL D 39 -6.98 -29.40 -5.51
N ARG D 40 -8.30 -29.43 -5.29
CA ARG D 40 -8.81 -29.80 -3.97
C ARG D 40 -8.65 -31.30 -3.71
N LYS D 41 -8.98 -32.13 -4.70
CA LYS D 41 -8.91 -33.57 -4.51
C LYS D 41 -7.50 -34.12 -4.59
N THR D 42 -6.56 -33.36 -5.14
CA THR D 42 -5.18 -33.82 -5.25
C THR D 42 -4.41 -33.60 -3.95
N SER E 4 -31.88 -18.64 -18.20
CA SER E 4 -31.86 -17.81 -17.01
C SER E 4 -31.08 -16.52 -17.24
N MET E 5 -29.75 -16.59 -17.07
CA MET E 5 -28.89 -15.44 -17.28
C MET E 5 -28.52 -15.22 -18.74
N LYS E 6 -28.90 -16.13 -19.63
CA LYS E 6 -28.55 -15.98 -21.04
C LYS E 6 -29.12 -14.71 -21.66
N PRO E 7 -30.41 -14.39 -21.52
CA PRO E 7 -30.89 -13.14 -22.13
C PRO E 7 -30.43 -11.90 -21.39
N HIS E 8 -30.22 -11.99 -20.08
CA HIS E 8 -29.80 -10.82 -19.31
C HIS E 8 -28.33 -10.49 -19.53
N LEU E 9 -27.48 -11.49 -19.72
CA LEU E 9 -26.07 -11.22 -19.98
C LEU E 9 -25.83 -10.63 -21.36
N ALA E 10 -26.61 -11.05 -22.35
CA ALA E 10 -26.51 -10.43 -23.67
C ALA E 10 -26.93 -8.97 -23.63
N GLU E 11 -27.98 -8.65 -22.86
CA GLU E 11 -28.40 -7.27 -22.72
C GLU E 11 -27.41 -6.47 -21.87
N LEU E 12 -26.88 -7.07 -20.82
CA LEU E 12 -25.92 -6.36 -19.97
C LEU E 12 -24.65 -6.04 -20.75
N ARG E 13 -24.21 -6.94 -21.62
CA ARG E 13 -22.99 -6.73 -22.38
C ARG E 13 -23.11 -5.52 -23.29
N GLN E 14 -24.25 -5.37 -23.96
CA GLN E 14 -24.41 -4.27 -24.91
C GLN E 14 -24.65 -2.93 -24.21
N ARG E 15 -25.02 -2.95 -22.93
CA ARG E 15 -25.12 -1.71 -22.16
C ARG E 15 -23.84 -1.39 -21.42
N LEU E 16 -23.06 -2.40 -21.03
CA LEU E 16 -21.74 -2.13 -20.48
C LEU E 16 -20.79 -1.62 -21.55
N ALA E 17 -21.00 -2.02 -22.80
CA ALA E 17 -20.18 -1.53 -23.90
C ALA E 17 -20.41 -0.04 -24.12
N ILE E 18 -21.67 0.40 -24.06
CA ILE E 18 -21.98 1.82 -24.26
C ILE E 18 -21.39 2.66 -23.14
N SER E 19 -21.50 2.17 -21.90
CA SER E 19 -20.96 2.91 -20.76
C SER E 19 -19.44 3.06 -20.86
N VAL E 20 -18.75 2.00 -21.28
CA VAL E 20 -17.30 2.08 -21.44
C VAL E 20 -16.93 3.06 -22.53
N LEU E 21 -17.68 3.07 -23.63
CA LEU E 21 -17.44 4.02 -24.70
C LEU E 21 -17.65 5.46 -24.21
N ALA E 22 -18.66 5.68 -23.38
CA ALA E 22 -18.94 7.02 -22.87
C ALA E 22 -17.78 7.52 -22.01
N VAL E 23 -17.18 6.64 -21.20
CA VAL E 23 -16.04 7.03 -20.40
C VAL E 23 -14.85 7.39 -21.29
N PHE E 24 -14.63 6.60 -22.34
CA PHE E 24 -13.51 6.87 -23.25
C PHE E 24 -13.69 8.19 -23.97
N VAL E 25 -14.91 8.47 -24.43
CA VAL E 25 -15.17 9.75 -25.10
C VAL E 25 -15.09 10.89 -24.10
N GLY E 26 -15.58 10.66 -22.88
CA GLY E 26 -15.43 11.67 -21.85
C GLY E 26 -13.98 11.91 -21.47
N PHE E 27 -13.16 10.85 -21.50
CA PHE E 27 -11.73 11.01 -21.24
C PHE E 27 -11.06 11.87 -22.30
N ILE E 28 -11.42 11.67 -23.57
CA ILE E 28 -10.82 12.46 -24.65
C ILE E 28 -11.20 13.92 -24.50
N ILE E 29 -12.47 14.21 -24.21
CA ILE E 29 -12.90 15.59 -24.03
C ILE E 29 -12.23 16.21 -22.81
N ALA E 30 -12.12 15.46 -21.72
CA ALA E 30 -11.48 15.98 -20.52
C ALA E 30 -9.99 16.27 -20.75
N PHE E 31 -9.31 15.43 -21.53
CA PHE E 31 -7.88 15.63 -21.76
C PHE E 31 -7.62 16.80 -22.70
N THR E 32 -8.58 17.14 -23.55
CA THR E 32 -8.42 18.31 -24.41
C THR E 32 -8.43 19.60 -23.59
N PHE E 33 -9.08 19.57 -22.42
CA PHE E 33 -9.19 20.72 -21.55
C PHE E 33 -8.57 20.44 -20.18
N HIS E 34 -7.49 19.64 -20.16
CA HIS E 34 -6.91 19.25 -18.87
C HIS E 34 -6.27 20.43 -18.16
N ASN E 35 -5.80 21.42 -18.91
CA ASN E 35 -5.25 22.61 -18.27
C ASN E 35 -6.32 23.38 -17.53
N ALA E 36 -7.51 23.49 -18.12
CA ALA E 36 -8.61 24.19 -17.47
C ALA E 36 -9.08 23.46 -16.21
N ILE E 37 -9.19 22.13 -16.29
CA ILE E 37 -9.65 21.37 -15.13
C ILE E 37 -8.59 21.40 -14.03
N LEU E 38 -7.31 21.26 -14.40
CA LEU E 38 -6.25 21.34 -13.40
C LEU E 38 -6.20 22.73 -12.78
N GLY E 39 -6.38 23.77 -13.59
CA GLY E 39 -6.43 25.12 -13.04
C GLY E 39 -7.56 25.29 -12.04
N TRP E 40 -8.72 24.71 -12.34
CA TRP E 40 -9.84 24.75 -11.40
C TRP E 40 -9.50 23.98 -10.12
N ILE E 41 -8.86 22.82 -10.26
CA ILE E 41 -8.51 22.02 -9.09
C ILE E 41 -7.41 22.68 -8.28
N THR E 42 -6.42 23.25 -8.95
CA THR E 42 -5.24 23.80 -8.33
C THR E 42 -5.44 25.23 -7.82
N LYS E 43 -6.45 25.94 -8.32
CA LYS E 43 -6.69 27.33 -7.91
C LYS E 43 -6.84 27.50 -6.41
N PRO E 44 -7.64 26.70 -5.69
CA PRO E 44 -7.76 26.92 -4.24
C PRO E 44 -6.45 26.80 -3.49
N LEU E 45 -5.55 25.94 -3.94
CA LEU E 45 -4.27 25.79 -3.26
C LEU E 45 -3.39 27.02 -3.45
N ASN E 46 -3.40 27.60 -4.66
CA ASN E 46 -2.64 28.83 -4.88
C ASN E 46 -3.16 29.97 -4.02
N ASN E 47 -4.49 30.05 -3.86
CA ASN E 47 -5.04 31.07 -2.98
C ASN E 47 -4.59 30.86 -1.54
N ALA E 48 -4.58 29.62 -1.08
CA ALA E 48 -4.14 29.35 0.29
C ALA E 48 -2.67 29.69 0.48
N LEU E 49 -1.82 29.29 -0.47
CA LEU E 49 -0.40 29.54 -0.31
C LEU E 49 -0.07 31.03 -0.36
N ILE E 50 -0.75 31.77 -1.24
CA ILE E 50 -0.53 33.21 -1.30
C ILE E 50 -1.06 33.89 -0.04
N GLN E 51 -2.26 33.50 0.40
CA GLN E 51 -2.83 34.08 1.62
C GLN E 51 -2.01 33.76 2.85
N VAL E 52 -1.53 32.53 2.98
CA VAL E 52 -0.66 32.19 4.11
C VAL E 52 0.66 32.93 4.01
N GLY E 53 1.17 33.14 2.80
CA GLY E 53 2.44 33.83 2.64
C GLY E 53 2.41 35.24 3.17
N LYS E 54 1.29 35.94 3.01
CA LYS E 54 1.17 37.29 3.52
C LYS E 54 1.18 37.32 5.04
N ILE E 55 0.55 36.34 5.68
CA ILE E 55 0.60 36.23 7.14
C ILE E 55 2.02 35.93 7.60
N VAL E 56 2.69 35.00 6.92
CA VAL E 56 4.05 34.61 7.30
C VAL E 56 5.01 35.79 7.11
N GLU E 57 4.88 36.47 5.98
CA GLU E 57 5.78 37.58 5.67
C GLU E 57 5.38 38.85 6.42
N LYS E 58 4.48 38.70 7.39
CA LYS E 58 4.14 39.77 8.32
C LYS E 58 4.70 39.54 9.71
N ARG E 59 4.68 38.29 10.20
CA ARG E 59 5.34 37.98 11.46
C ARG E 59 6.84 38.15 11.37
N GLU E 60 7.43 37.76 10.23
CA GLU E 60 8.87 37.93 10.05
C GLU E 60 9.27 39.41 10.03
N MET E 61 8.45 40.25 9.39
CA MET E 61 8.73 41.69 9.35
C MET E 61 8.38 42.34 10.68
N ASN E 156 10.21 29.92 0.77
CA ASN E 156 8.82 30.08 0.33
C ASN E 156 8.22 28.74 -0.06
N GLY E 157 6.91 28.73 -0.29
CA GLY E 157 6.20 27.52 -0.67
C GLY E 157 5.49 27.70 -1.99
N MET E 158 5.41 26.62 -2.76
CA MET E 158 4.71 26.63 -4.04
C MET E 158 4.45 25.18 -4.45
N ILE E 159 3.66 25.01 -5.50
CA ILE E 159 3.23 23.67 -5.91
C ILE E 159 4.33 23.02 -6.74
N THR E 160 4.70 21.80 -6.35
CA THR E 160 5.83 21.07 -6.93
C THR E 160 5.34 19.72 -7.45
N THR E 161 6.28 18.95 -7.99
CA THR E 161 6.04 17.57 -8.41
C THR E 161 7.29 16.77 -8.15
N HIS E 162 7.17 15.70 -7.37
CA HIS E 162 8.33 14.91 -6.98
C HIS E 162 8.46 13.62 -7.79
N GLN E 163 7.65 13.42 -8.83
CA GLN E 163 7.79 12.31 -9.73
C GLN E 163 8.03 12.83 -11.15
N VAL E 164 8.79 12.07 -11.93
CA VAL E 164 9.08 12.48 -13.30
C VAL E 164 7.79 12.48 -14.12
N GLY E 165 6.96 11.46 -13.93
CA GLY E 165 5.70 11.37 -14.65
C GLY E 165 4.52 11.89 -13.87
N GLY E 166 4.79 12.69 -12.83
CA GLY E 166 3.71 13.18 -11.98
C GLY E 166 2.77 14.11 -12.71
N ALA E 167 3.32 15.03 -13.50
CA ALA E 167 2.47 15.99 -14.21
C ALA E 167 1.59 15.29 -15.24
N PHE E 168 2.15 14.35 -15.99
CA PHE E 168 1.37 13.63 -16.99
C PHE E 168 0.33 12.74 -16.34
N PHE E 169 0.69 12.04 -15.25
CA PHE E 169 -0.24 11.15 -14.59
C PHE E 169 -1.37 11.92 -13.95
N VAL E 170 -1.07 13.08 -13.35
CA VAL E 170 -2.11 13.91 -12.75
C VAL E 170 -3.09 14.39 -13.81
N ALA E 171 -2.57 14.80 -14.97
CA ALA E 171 -3.46 15.21 -16.06
C ALA E 171 -4.36 14.07 -16.50
N LEU E 172 -3.81 12.86 -16.61
CA LEU E 172 -4.62 11.70 -16.94
C LEU E 172 -5.62 11.39 -15.82
N LYS E 173 -5.17 11.42 -14.56
CA LYS E 173 -6.05 11.08 -13.45
C LYS E 173 -7.19 12.07 -13.34
N VAL E 174 -6.90 13.36 -13.49
CA VAL E 174 -7.95 14.37 -13.46
C VAL E 174 -8.88 14.20 -14.65
N SER E 175 -8.33 13.94 -15.83
CA SER E 175 -9.14 13.73 -17.02
C SER E 175 -9.98 12.46 -16.89
N PHE E 176 -9.42 11.41 -16.30
CA PHE E 176 -10.18 10.18 -16.09
C PHE E 176 -11.36 10.43 -15.17
N PHE E 177 -11.14 11.17 -14.08
CA PHE E 177 -12.23 11.46 -13.15
C PHE E 177 -13.30 12.33 -13.82
N ALA E 178 -12.89 13.32 -14.59
CA ALA E 178 -13.86 14.15 -15.31
C ALA E 178 -14.57 13.36 -16.39
N GLY E 179 -13.89 12.36 -16.96
CA GLY E 179 -14.54 11.53 -17.97
C GLY E 179 -15.67 10.70 -17.40
N ILE E 180 -15.44 10.12 -16.22
CA ILE E 180 -16.48 9.34 -15.57
C ILE E 180 -17.68 10.23 -15.22
N LEU E 181 -17.40 11.42 -14.69
CA LEU E 181 -18.47 12.36 -14.37
C LEU E 181 -19.25 12.77 -15.61
N MET E 182 -18.55 13.03 -16.72
CA MET E 182 -19.20 13.35 -17.97
C MET E 182 -20.00 12.19 -18.54
N ALA E 183 -19.60 10.96 -18.25
CA ALA E 183 -20.28 9.77 -18.73
C ALA E 183 -21.41 9.32 -17.81
N MET E 184 -21.58 9.96 -16.66
CA MET E 184 -22.62 9.57 -15.71
C MET E 184 -24.03 9.61 -16.29
N PRO E 185 -24.43 10.64 -17.05
CA PRO E 185 -25.76 10.56 -17.67
C PRO E 185 -25.94 9.35 -18.57
N VAL E 186 -24.91 8.97 -19.33
CA VAL E 186 -25.01 7.78 -20.17
C VAL E 186 -25.00 6.52 -19.32
N ILE E 187 -24.13 6.47 -18.31
CA ILE E 187 -24.05 5.30 -17.45
C ILE E 187 -25.36 5.10 -16.69
N LEU E 188 -25.92 6.17 -16.15
CA LEU E 188 -27.17 6.05 -15.40
C LEU E 188 -28.35 5.75 -16.31
N TRP E 189 -28.37 6.33 -17.52
CA TRP E 189 -29.44 6.02 -18.46
C TRP E 189 -29.39 4.55 -18.87
N GLN E 190 -28.19 4.02 -19.11
CA GLN E 190 -28.05 2.60 -19.39
C GLN E 190 -28.46 1.75 -18.19
N LEU E 191 -28.09 2.19 -16.98
CA LEU E 191 -28.49 1.47 -15.78
C LEU E 191 -30.00 1.43 -15.64
N TRP E 192 -30.66 2.55 -15.88
CA TRP E 192 -32.12 2.58 -15.76
C TRP E 192 -32.77 1.68 -16.79
N LEU E 193 -32.29 1.70 -18.03
CA LEU E 193 -32.89 0.88 -19.08
C LEU E 193 -32.73 -0.61 -18.77
N PHE E 194 -31.70 -0.97 -18.02
CA PHE E 194 -31.51 -2.38 -17.66
C PHE E 194 -32.47 -2.83 -16.58
N ILE E 195 -32.88 -1.95 -15.67
CA ILE E 195 -33.76 -2.31 -14.56
C ILE E 195 -35.16 -1.72 -14.70
N ALA E 196 -35.43 -0.97 -15.77
CA ALA E 196 -36.75 -0.36 -15.92
C ALA E 196 -37.87 -1.38 -16.01
N PRO E 197 -37.80 -2.43 -16.84
CA PRO E 197 -38.89 -3.42 -16.83
C PRO E 197 -39.05 -4.13 -15.50
N GLY E 198 -37.96 -4.28 -14.74
CA GLY E 198 -38.07 -4.96 -13.46
C GLY E 198 -38.91 -4.20 -12.45
N LEU E 199 -38.70 -2.87 -12.38
CA LEU E 199 -39.44 -2.06 -11.43
C LEU E 199 -40.91 -1.97 -11.82
N TYR E 200 -41.78 -2.04 -10.82
CA TYR E 200 -43.21 -1.92 -11.04
C TYR E 200 -43.59 -0.47 -11.28
N ASP E 201 -44.78 -0.26 -11.85
CA ASP E 201 -45.22 1.09 -12.16
C ASP E 201 -45.53 1.87 -10.88
N ASN E 202 -45.68 1.17 -9.76
CA ASN E 202 -45.88 1.86 -8.49
C ASN E 202 -44.63 2.63 -8.07
N GLU E 203 -43.47 1.99 -8.16
CA GLU E 203 -42.21 2.62 -7.76
C GLU E 203 -41.38 3.10 -8.94
N LYS E 204 -41.92 3.08 -10.15
CA LYS E 204 -41.16 3.58 -11.29
C LYS E 204 -41.11 5.11 -11.31
N LYS E 205 -42.12 5.76 -10.75
CA LYS E 205 -42.17 7.22 -10.72
C LYS E 205 -41.48 7.82 -9.52
N MET E 206 -40.90 7.00 -8.64
CA MET E 206 -40.07 7.49 -7.57
C MET E 206 -38.58 7.29 -7.83
N VAL E 207 -38.22 6.87 -9.04
CA VAL E 207 -36.82 6.70 -9.40
C VAL E 207 -36.27 7.92 -10.10
N LEU E 208 -37.01 8.46 -11.06
CA LEU E 208 -36.58 9.69 -11.74
C LEU E 208 -36.43 10.87 -10.79
N PRO E 209 -37.40 11.16 -9.90
CA PRO E 209 -37.14 12.19 -8.88
C PRO E 209 -35.98 11.85 -7.96
N PHE E 210 -35.77 10.57 -7.67
CA PHE E 210 -34.64 10.19 -6.81
C PHE E 210 -33.31 10.45 -7.52
N VAL E 211 -33.22 10.09 -8.80
CA VAL E 211 -31.99 10.32 -9.54
C VAL E 211 -31.74 11.81 -9.71
N VAL E 212 -32.77 12.57 -10.06
CA VAL E 212 -32.61 14.02 -10.18
C VAL E 212 -32.29 14.64 -8.83
N GLY E 213 -33.01 14.22 -7.79
CA GLY E 213 -32.75 14.76 -6.47
C GLY E 213 -31.40 14.37 -5.92
N GLY E 214 -31.00 13.11 -6.11
CA GLY E 214 -29.69 12.68 -5.66
C GLY E 214 -28.56 13.36 -6.41
N SER E 215 -28.71 13.50 -7.73
CA SER E 215 -27.67 14.15 -8.52
C SER E 215 -27.53 15.63 -8.18
N VAL E 216 -28.67 16.33 -8.03
CA VAL E 216 -28.60 17.74 -7.72
C VAL E 216 -28.04 17.98 -6.32
N MET E 217 -28.22 17.02 -5.41
CA MET E 217 -27.63 17.15 -4.09
C MET E 217 -26.14 16.83 -4.12
N PHE E 218 -25.72 15.90 -4.98
CA PHE E 218 -24.30 15.62 -5.15
C PHE E 218 -23.56 16.83 -5.70
N LEU E 219 -24.17 17.51 -6.67
CA LEU E 219 -23.55 18.71 -7.24
C LEU E 219 -23.41 19.79 -6.18
N ILE E 220 -24.41 19.95 -5.32
CA ILE E 220 -24.32 20.94 -4.26
C ILE E 220 -23.21 20.58 -3.30
N GLY E 221 -23.04 19.29 -3.01
CA GLY E 221 -21.98 18.87 -2.13
C GLY E 221 -20.60 19.20 -2.66
N VAL E 222 -20.39 19.02 -3.97
CA VAL E 222 -19.09 19.34 -4.56
C VAL E 222 -18.88 20.84 -4.58
N LEU E 223 -19.90 21.60 -4.98
CA LEU E 223 -19.77 23.05 -5.00
C LEU E 223 -19.57 23.61 -3.60
N PHE E 224 -20.30 23.06 -2.62
CA PHE E 224 -20.13 23.51 -1.24
C PHE E 224 -18.72 23.22 -0.74
N ALA E 225 -18.18 22.04 -1.08
CA ALA E 225 -16.82 21.71 -0.66
C ALA E 225 -15.80 22.59 -1.36
N TYR E 226 -16.05 22.93 -2.63
CA TYR E 226 -15.08 23.72 -3.38
C TYR E 226 -15.06 25.18 -2.95
N TYR E 227 -16.24 25.78 -2.76
CA TYR E 227 -16.36 27.22 -2.59
C TYR E 227 -16.52 27.67 -1.15
N VAL E 228 -16.98 26.81 -0.25
CA VAL E 228 -17.24 27.18 1.13
C VAL E 228 -16.27 26.49 2.09
N VAL E 229 -16.00 25.21 1.89
CA VAL E 229 -15.16 24.46 2.83
C VAL E 229 -13.69 24.60 2.50
N THR E 230 -13.31 24.40 1.24
CA THR E 230 -11.91 24.43 0.87
C THR E 230 -11.22 25.76 1.12
N PRO E 231 -11.80 26.93 0.77
CA PRO E 231 -11.07 28.19 1.02
C PRO E 231 -10.69 28.40 2.48
N PHE E 232 -11.53 27.99 3.43
CA PHE E 232 -11.17 28.12 4.84
C PHE E 232 -10.38 26.92 5.33
N GLY E 233 -10.70 25.72 4.84
CA GLY E 233 -9.99 24.54 5.29
C GLY E 233 -8.53 24.52 4.86
N PHE E 234 -8.27 24.87 3.60
CA PHE E 234 -6.91 24.85 3.10
C PHE E 234 -6.05 25.91 3.78
N GLN E 235 -6.61 27.10 4.00
CA GLN E 235 -5.86 28.17 4.65
C GLN E 235 -5.51 27.79 6.09
N PHE E 236 -6.43 27.14 6.79
CA PHE E 236 -6.16 26.74 8.17
C PHE E 236 -5.10 25.64 8.23
N LEU E 237 -5.19 24.66 7.33
CA LEU E 237 -4.24 23.55 7.35
C LEU E 237 -2.82 24.01 7.04
N ILE E 238 -2.66 24.88 6.05
CA ILE E 238 -1.33 25.38 5.70
C ILE E 238 -0.77 26.25 6.83
N THR E 239 -1.63 27.06 7.46
CA THR E 239 -1.19 27.90 8.56
C THR E 239 -0.73 27.08 9.76
N PHE E 240 -1.21 25.84 9.89
CA PHE E 240 -0.86 25.03 11.05
C PHE E 240 0.64 24.73 11.09
N GLY E 241 1.24 24.47 9.93
CA GLY E 241 2.66 24.23 9.87
C GLY E 241 3.44 25.32 9.17
N SER E 242 2.93 26.56 9.24
CA SER E 242 3.59 27.70 8.63
C SER E 242 4.80 28.18 9.42
N PHE E 243 4.74 28.12 10.75
CA PHE E 243 5.85 28.57 11.58
C PHE E 243 6.86 27.47 11.84
N LEU E 244 6.62 26.26 11.36
CA LEU E 244 7.51 25.13 11.61
C LEU E 244 8.10 24.56 10.34
N TYR E 245 7.29 24.34 9.31
CA TYR E 245 7.73 23.69 8.09
C TYR E 245 7.50 24.59 6.88
N THR E 246 8.01 24.14 5.73
CA THR E 246 7.86 24.85 4.47
C THR E 246 6.93 24.07 3.57
N PRO E 247 5.80 24.64 3.15
CA PRO E 247 4.81 23.87 2.38
C PRO E 247 5.21 23.65 0.93
N LEU E 248 6.00 22.62 0.68
CA LEU E 248 6.33 22.22 -0.69
C LEU E 248 5.33 21.17 -1.16
N ILE E 249 4.11 21.63 -1.43
CA ILE E 249 3.01 20.73 -1.75
C ILE E 249 3.21 20.14 -3.14
N ASN E 250 3.05 18.83 -3.24
CA ASN E 250 3.22 18.11 -4.50
C ASN E 250 1.85 17.81 -5.11
N ILE E 251 1.78 17.91 -6.43
CA ILE E 251 0.50 17.79 -7.12
C ILE E 251 -0.03 16.37 -7.09
N GLU E 252 0.85 15.37 -7.02
CA GLU E 252 0.41 13.98 -7.06
C GLU E 252 -0.47 13.63 -5.87
N ASP E 253 -0.03 14.02 -4.67
CA ASP E 253 -0.82 13.75 -3.47
C ASP E 253 -1.94 14.76 -3.27
N TYR E 254 -1.83 15.95 -3.87
CA TYR E 254 -2.87 16.95 -3.72
C TYR E 254 -4.14 16.56 -4.47
N VAL E 255 -3.98 16.05 -5.70
CA VAL E 255 -5.14 15.72 -6.52
C VAL E 255 -5.98 14.64 -5.86
N GLY E 256 -5.33 13.61 -5.33
CA GLY E 256 -6.05 12.59 -4.59
C GLY E 256 -6.71 13.15 -3.35
N PHE E 257 -6.00 14.01 -2.61
CA PHE E 257 -6.58 14.63 -1.43
C PHE E 257 -7.75 15.54 -1.79
N PHE E 258 -7.60 16.34 -2.85
CA PHE E 258 -8.65 17.27 -3.23
C PHE E 258 -9.87 16.54 -3.77
N THR E 259 -9.66 15.55 -4.65
CA THR E 259 -10.77 14.83 -5.25
C THR E 259 -11.56 14.04 -4.22
N LYS E 260 -10.88 13.52 -3.18
CA LYS E 260 -11.57 12.83 -2.11
C LYS E 260 -12.47 13.78 -1.33
N ILE E 261 -12.01 15.01 -1.09
CA ILE E 261 -12.83 15.99 -0.38
C ILE E 261 -14.07 16.33 -1.20
N LEU E 262 -13.88 16.58 -2.50
CA LEU E 262 -14.99 16.93 -3.37
C LEU E 262 -15.97 15.77 -3.51
N ILE E 263 -15.44 14.58 -3.82
CA ILE E 263 -16.30 13.41 -3.98
C ILE E 263 -16.98 13.06 -2.65
N GLY E 264 -16.22 13.10 -1.56
CA GLY E 264 -16.78 12.74 -0.26
C GLY E 264 -17.90 13.64 0.19
N PHE E 265 -17.77 14.95 -0.02
CA PHE E 265 -18.80 15.88 0.39
C PHE E 265 -20.07 15.72 -0.43
N GLY E 266 -19.95 15.30 -1.69
CA GLY E 266 -21.14 15.02 -2.49
C GLY E 266 -21.95 13.87 -1.93
N ILE E 267 -21.26 12.77 -1.58
CA ILE E 267 -21.93 11.67 -0.92
C ILE E 267 -22.38 12.07 0.48
N ALA E 268 -21.59 12.89 1.16
CA ALA E 268 -21.99 13.37 2.48
C ALA E 268 -23.27 14.19 2.43
N PHE E 269 -23.61 14.76 1.28
CA PHE E 269 -24.89 15.41 1.08
C PHE E 269 -25.96 14.46 0.54
N GLU E 270 -25.55 13.31 0.00
CA GLU E 270 -26.50 12.33 -0.51
C GLU E 270 -27.05 11.43 0.58
N LEU E 271 -26.31 11.25 1.67
CA LEU E 271 -26.84 10.48 2.80
C LEU E 271 -28.06 11.13 3.44
N PRO E 272 -28.09 12.44 3.73
CA PRO E 272 -29.31 13.04 4.30
C PRO E 272 -30.48 13.14 3.35
N VAL E 273 -30.30 12.86 2.06
CA VAL E 273 -31.42 12.84 1.12
C VAL E 273 -31.86 11.42 0.76
N VAL E 274 -30.95 10.44 0.82
CA VAL E 274 -31.36 9.05 0.68
C VAL E 274 -32.28 8.65 1.83
N ALA E 275 -31.93 9.03 3.06
CA ALA E 275 -32.80 8.76 4.19
C ALA E 275 -34.11 9.52 4.09
N TYR E 276 -34.05 10.78 3.64
CA TYR E 276 -35.27 11.56 3.48
C TYR E 276 -36.19 10.95 2.44
N PHE E 277 -35.62 10.44 1.35
CA PHE E 277 -36.45 9.79 0.33
C PHE E 277 -37.09 8.52 0.87
N LEU E 278 -36.35 7.76 1.68
CA LEU E 278 -36.91 6.58 2.31
C LEU E 278 -37.91 6.90 3.41
N ALA E 279 -37.98 8.16 3.84
CA ALA E 279 -38.85 8.55 4.95
C ALA E 279 -40.25 8.95 4.49
N LEU E 280 -40.35 9.75 3.43
CA LEU E 280 -41.67 10.21 2.98
C LEU E 280 -42.52 9.05 2.51
N LEU E 281 -41.96 8.14 1.72
CA LEU E 281 -42.71 6.97 1.28
C LEU E 281 -43.08 6.09 2.46
N GLY E 282 -42.14 5.91 3.39
CA GLY E 282 -42.36 5.14 4.60
C GLY E 282 -41.78 3.75 4.51
N LEU E 283 -40.57 3.58 5.02
CA LEU E 283 -39.96 2.27 5.18
C LEU E 283 -39.20 2.11 6.48
N ILE E 284 -38.71 3.20 7.08
CA ILE E 284 -38.03 3.18 8.37
C ILE E 284 -38.50 4.37 9.19
N THR E 285 -38.49 4.20 10.49
CA THR E 285 -38.93 5.23 11.42
C THR E 285 -37.76 5.63 12.31
N ASP E 286 -38.05 6.50 13.28
CA ASP E 286 -37.01 6.94 14.21
C ASP E 286 -36.46 5.78 15.02
N LYS E 287 -37.36 4.88 15.47
CA LYS E 287 -36.92 3.74 16.27
C LYS E 287 -36.01 2.82 15.46
N THR E 288 -36.34 2.57 14.19
CA THR E 288 -35.55 1.63 13.40
C THR E 288 -34.13 2.11 13.19
N LEU E 289 -33.94 3.42 12.97
CA LEU E 289 -32.59 3.94 12.79
C LEU E 289 -31.85 4.10 14.10
N LYS E 290 -32.51 3.89 15.23
CA LYS E 290 -31.87 3.96 16.54
C LYS E 290 -31.49 2.60 17.11
N ASP E 291 -32.36 1.60 16.99
CA ASP E 291 -32.07 0.27 17.49
C ASP E 291 -31.18 -0.54 16.56
N TYR E 292 -30.91 -0.02 15.36
CA TYR E 292 -29.92 -0.61 14.47
C TYR E 292 -28.59 0.12 14.52
N PHE E 293 -28.44 1.09 15.43
CA PHE E 293 -27.18 1.80 15.57
C PHE E 293 -26.07 0.87 16.04
N LYS E 294 -26.40 -0.15 16.83
CA LYS E 294 -25.39 -1.02 17.39
C LYS E 294 -24.62 -1.76 16.31
N TYR E 295 -25.31 -2.24 15.28
CA TYR E 295 -24.59 -2.75 14.12
C TYR E 295 -24.01 -1.62 13.29
N ALA E 296 -24.78 -0.54 13.11
CA ALA E 296 -24.40 0.50 12.17
C ALA E 296 -23.05 1.12 12.51
N ILE E 297 -22.69 1.10 13.79
CA ILE E 297 -21.38 1.62 14.19
C ILE E 297 -20.27 0.70 13.68
N VAL E 298 -20.53 -0.60 13.65
CA VAL E 298 -19.52 -1.55 13.16
C VAL E 298 -19.34 -1.41 11.66
N ILE E 299 -20.44 -1.27 10.92
CA ILE E 299 -20.34 -1.07 9.47
C ILE E 299 -19.62 0.23 9.15
N ILE E 300 -19.90 1.28 9.93
CA ILE E 300 -19.22 2.56 9.72
C ILE E 300 -17.72 2.40 9.87
N PHE E 301 -17.29 1.68 10.91
CA PHE E 301 -15.86 1.44 11.08
C PHE E 301 -15.34 0.46 10.04
N LEU E 302 -16.20 -0.44 9.56
CA LEU E 302 -15.82 -1.30 8.43
C LEU E 302 -15.69 -0.49 7.16
N LEU E 303 -16.61 0.46 6.94
CA LEU E 303 -16.50 1.34 5.78
C LEU E 303 -15.31 2.28 5.91
N ALA E 304 -15.02 2.75 7.12
CA ALA E 304 -13.90 3.67 7.31
C ALA E 304 -12.58 3.01 6.95
N ALA E 305 -12.42 1.73 7.28
CA ALA E 305 -11.19 1.02 6.97
C ALA E 305 -10.97 0.90 5.47
N PHE E 306 -12.05 0.65 4.72
CA PHE E 306 -11.92 0.52 3.27
C PHE E 306 -11.42 1.80 2.63
N LEU E 307 -11.99 2.94 3.02
CA LEU E 307 -11.71 4.22 2.37
C LEU E 307 -10.54 4.97 2.99
N THR E 308 -9.71 4.32 3.80
CA THR E 308 -8.59 4.99 4.43
C THR E 308 -7.36 4.10 4.37
N PRO E 309 -6.17 4.68 4.46
CA PRO E 309 -4.95 3.87 4.58
C PRO E 309 -5.00 3.03 5.84
N PRO E 310 -4.12 2.03 5.96
CA PRO E 310 -4.22 1.09 7.10
C PRO E 310 -4.02 1.71 8.47
N ASP E 311 -3.83 3.02 8.56
CA ASP E 311 -3.66 3.66 9.85
C ASP E 311 -5.00 3.74 10.59
N VAL E 312 -4.93 3.57 11.91
CA VAL E 312 -6.14 3.69 12.73
C VAL E 312 -6.62 5.13 12.79
N LEU E 313 -5.71 6.09 12.83
CA LEU E 313 -6.11 7.48 12.95
C LEU E 313 -6.96 7.91 11.76
N THR E 314 -6.57 7.48 10.56
CA THR E 314 -7.38 7.77 9.37
C THR E 314 -8.74 7.11 9.48
N GLN E 315 -8.81 5.94 10.11
CA GLN E 315 -10.09 5.28 10.34
C GLN E 315 -10.97 6.13 11.25
N LEU E 316 -10.42 6.58 12.39
CA LEU E 316 -11.20 7.40 13.31
C LEU E 316 -11.53 8.76 12.70
N LEU E 317 -10.60 9.34 11.93
CA LEU E 317 -10.86 10.62 11.31
C LEU E 317 -11.93 10.53 10.23
N MET E 318 -12.25 9.33 9.76
CA MET E 318 -13.32 9.12 8.81
C MET E 318 -14.57 8.54 9.45
N ALA E 319 -14.43 7.79 10.55
CA ALA E 319 -15.59 7.28 11.25
C ALA E 319 -16.36 8.39 11.95
N ALA E 320 -15.65 9.41 12.44
CA ALA E 320 -16.32 10.52 13.12
C ALA E 320 -17.28 11.28 12.21
N PRO E 321 -16.91 11.67 10.97
CA PRO E 321 -17.92 12.28 10.10
C PRO E 321 -19.09 11.36 9.79
N LEU E 322 -18.84 10.06 9.65
CA LEU E 322 -19.93 9.14 9.34
C LEU E 322 -20.90 9.00 10.51
N ILE E 323 -20.40 9.08 11.74
CA ILE E 323 -21.28 9.03 12.91
C ILE E 323 -22.24 10.21 12.91
N LEU E 324 -21.71 11.41 12.63
CA LEU E 324 -22.55 12.60 12.60
C LEU E 324 -23.56 12.55 11.47
N LEU E 325 -23.16 12.01 10.31
CA LEU E 325 -24.11 11.85 9.21
C LEU E 325 -25.23 10.90 9.59
N TYR E 326 -24.90 9.81 10.29
CA TYR E 326 -25.93 8.96 10.86
C TYR E 326 -26.75 9.70 11.92
N GLY E 327 -26.08 10.52 12.72
CA GLY E 327 -26.80 11.31 13.71
C GLY E 327 -27.79 12.27 13.08
N LEU E 328 -27.37 12.98 12.02
CA LEU E 328 -28.27 13.87 11.32
C LEU E 328 -29.41 13.10 10.66
N SER E 329 -29.14 11.86 10.26
CA SER E 329 -30.18 11.02 9.68
C SER E 329 -31.28 10.71 10.69
N ILE E 330 -30.94 10.70 11.99
CA ILE E 330 -31.94 10.43 13.02
C ILE E 330 -32.98 11.55 13.05
N LEU E 331 -32.52 12.80 13.09
CA LEU E 331 -33.45 13.92 13.18
C LEU E 331 -34.27 14.06 11.90
N ILE E 332 -33.68 13.75 10.75
CA ILE E 332 -34.40 13.87 9.49
C ILE E 332 -35.59 12.93 9.49
N VAL E 333 -35.39 11.69 9.93
CA VAL E 333 -36.51 10.76 10.07
C VAL E 333 -37.39 11.16 11.23
N HIS E 334 -36.81 11.70 12.30
CA HIS E 334 -37.60 12.12 13.45
C HIS E 334 -38.50 13.29 13.11
N TYR E 335 -38.04 14.21 12.25
CA TYR E 335 -38.86 15.35 11.85
C TYR E 335 -39.97 14.95 10.90
N VAL E 336 -39.73 13.97 10.04
CA VAL E 336 -40.73 13.57 9.05
C VAL E 336 -41.87 12.82 9.73
N SER F 4 9.81 -39.76 -2.97
CA SER F 4 9.32 -38.90 -4.04
C SER F 4 10.10 -37.60 -4.10
N MET F 5 9.77 -36.68 -3.20
CA MET F 5 10.43 -35.38 -3.14
C MET F 5 11.71 -35.40 -2.30
N LYS F 6 12.04 -36.54 -1.69
CA LYS F 6 13.24 -36.60 -0.86
C LYS F 6 14.52 -36.33 -1.65
N PRO F 7 14.78 -36.95 -2.80
CA PRO F 7 16.02 -36.63 -3.52
C PRO F 7 15.97 -35.26 -4.20
N HIS F 8 14.79 -34.82 -4.63
CA HIS F 8 14.70 -33.54 -5.33
C HIS F 8 14.82 -32.36 -4.38
N LEU F 9 14.39 -32.49 -3.13
CA LEU F 9 14.54 -31.42 -2.17
C LEU F 9 15.97 -31.27 -1.68
N ALA F 10 16.70 -32.37 -1.57
CA ALA F 10 18.12 -32.30 -1.24
C ALA F 10 18.91 -31.60 -2.35
N GLU F 11 18.54 -31.87 -3.60
CA GLU F 11 19.21 -31.20 -4.72
C GLU F 11 18.77 -29.76 -4.86
N LEU F 12 17.49 -29.48 -4.62
CA LEU F 12 17.00 -28.10 -4.72
C LEU F 12 17.63 -27.22 -3.65
N ARG F 13 17.81 -27.75 -2.45
CA ARG F 13 18.38 -26.96 -1.36
C ARG F 13 19.81 -26.54 -1.67
N GLN F 14 20.61 -27.45 -2.21
CA GLN F 14 22.02 -27.13 -2.45
C GLN F 14 22.21 -26.24 -3.67
N ARG F 15 21.21 -26.16 -4.56
CA ARG F 15 21.27 -25.23 -5.68
C ARG F 15 20.62 -23.90 -5.35
N LEU F 16 19.64 -23.89 -4.45
CA LEU F 16 19.10 -22.62 -3.99
C LEU F 16 20.10 -21.89 -3.10
N ALA F 17 20.92 -22.63 -2.36
CA ALA F 17 21.94 -22.01 -1.53
C ALA F 17 22.98 -21.29 -2.37
N ILE F 18 23.40 -21.91 -3.48
CA ILE F 18 24.41 -21.29 -4.34
C ILE F 18 23.88 -20.02 -4.96
N SER F 19 22.61 -20.04 -5.40
CA SER F 19 22.00 -18.84 -5.96
C SER F 19 21.92 -17.71 -4.94
N VAL F 20 21.59 -18.05 -3.69
CA VAL F 20 21.52 -17.03 -2.65
C VAL F 20 22.91 -16.45 -2.38
N LEU F 21 23.93 -17.30 -2.38
CA LEU F 21 25.29 -16.80 -2.21
C LEU F 21 25.70 -15.89 -3.35
N ALA F 22 25.28 -16.23 -4.57
CA ALA F 22 25.61 -15.40 -5.74
C ALA F 22 25.00 -14.02 -5.61
N VAL F 23 23.77 -13.93 -5.10
CA VAL F 23 23.13 -12.64 -4.89
C VAL F 23 23.91 -11.82 -3.86
N PHE F 24 24.31 -12.45 -2.76
CA PHE F 24 25.05 -11.75 -1.71
C PHE F 24 26.38 -11.24 -2.22
N VAL F 25 27.11 -12.07 -2.98
CA VAL F 25 28.38 -11.63 -3.55
C VAL F 25 28.16 -10.53 -4.55
N GLY F 26 27.14 -10.66 -5.40
CA GLY F 26 26.81 -9.60 -6.33
C GLY F 26 26.39 -8.32 -5.62
N PHE F 27 25.71 -8.45 -4.48
CA PHE F 27 25.34 -7.28 -3.70
C PHE F 27 26.57 -6.56 -3.15
N ILE F 28 27.56 -7.32 -2.67
CA ILE F 28 28.77 -6.71 -2.14
C ILE F 28 29.53 -5.99 -3.24
N ILE F 29 29.64 -6.60 -4.41
CA ILE F 29 30.32 -5.95 -5.53
C ILE F 29 29.55 -4.72 -5.99
N ALA F 30 28.22 -4.81 -6.04
CA ALA F 30 27.41 -3.66 -6.46
C ALA F 30 27.52 -2.51 -5.48
N PHE F 31 27.56 -2.79 -4.18
CA PHE F 31 27.64 -1.72 -3.19
C PHE F 31 28.99 -1.02 -3.24
N THR F 32 30.06 -1.73 -3.62
CA THR F 32 31.36 -1.09 -3.73
C THR F 32 31.37 -0.05 -4.84
N PHE F 33 30.55 -0.23 -5.86
CA PHE F 33 30.47 0.69 -6.99
C PHE F 33 29.09 1.33 -7.08
N HIS F 34 28.45 1.57 -5.92
CA HIS F 34 27.10 2.12 -5.94
C HIS F 34 27.08 3.54 -6.47
N ASN F 35 28.16 4.29 -6.30
CA ASN F 35 28.23 5.64 -6.86
C ASN F 35 28.21 5.60 -8.38
N ALA F 36 28.94 4.64 -8.98
CA ALA F 36 28.95 4.51 -10.42
C ALA F 36 27.59 4.10 -10.96
N ILE F 37 26.92 3.15 -10.30
CA ILE F 37 25.62 2.70 -10.78
C ILE F 37 24.57 3.79 -10.58
N LEU F 38 24.61 4.47 -9.43
CA LEU F 38 23.67 5.56 -9.20
C LEU F 38 23.89 6.70 -10.18
N GLY F 39 25.15 7.01 -10.49
CA GLY F 39 25.43 8.01 -11.50
C GLY F 39 24.90 7.60 -12.86
N TRP F 40 25.06 6.32 -13.22
CA TRP F 40 24.49 5.82 -14.46
C TRP F 40 22.96 5.90 -14.45
N ILE F 41 22.35 5.56 -13.32
CA ILE F 41 20.89 5.56 -13.22
C ILE F 41 20.35 6.99 -13.26
N THR F 42 21.01 7.90 -12.55
CA THR F 42 20.53 9.27 -12.39
C THR F 42 20.96 10.19 -13.53
N LYS F 43 21.93 9.77 -14.35
CA LYS F 43 22.40 10.61 -15.45
C LYS F 43 21.29 11.10 -16.37
N PRO F 44 20.35 10.27 -16.83
CA PRO F 44 19.27 10.82 -17.68
C PRO F 44 18.42 11.86 -17.00
N LEU F 45 18.21 11.74 -15.69
CA LEU F 45 17.42 12.74 -14.98
C LEU F 45 18.11 14.09 -14.98
N ASN F 46 19.42 14.12 -14.76
CA ASN F 46 20.16 15.38 -14.82
C ASN F 46 20.09 15.99 -16.20
N ASN F 47 20.23 15.17 -17.24
CA ASN F 47 20.15 15.67 -18.61
C ASN F 47 18.77 16.25 -18.90
N ALA F 48 17.72 15.57 -18.45
CA ALA F 48 16.37 16.07 -18.64
C ALA F 48 16.15 17.39 -17.93
N LEU F 49 16.62 17.49 -16.68
CA LEU F 49 16.41 18.71 -15.90
C LEU F 49 17.21 19.87 -16.48
N ILE F 50 18.44 19.61 -16.93
CA ILE F 50 19.25 20.68 -17.52
C ILE F 50 18.66 21.10 -18.86
N GLN F 51 18.25 20.14 -19.70
CA GLN F 51 17.67 20.46 -20.99
C GLN F 51 16.34 21.20 -20.85
N VAL F 52 15.48 20.78 -19.92
CA VAL F 52 14.24 21.51 -19.68
C VAL F 52 14.53 22.89 -19.11
N GLY F 53 15.57 23.01 -18.28
CA GLY F 53 15.89 24.30 -17.69
C GLY F 53 16.20 25.35 -18.72
N LYS F 54 16.86 24.97 -19.81
CA LYS F 54 17.17 25.93 -20.87
C LYS F 54 15.92 26.40 -21.57
N ILE F 55 14.91 25.54 -21.71
CA ILE F 55 13.65 25.93 -22.30
C ILE F 55 12.91 26.90 -21.39
N VAL F 56 12.82 26.59 -20.09
CA VAL F 56 12.06 27.42 -19.17
C VAL F 56 12.78 28.74 -18.91
N GLU F 57 14.10 28.73 -19.05
CA GLU F 57 14.86 29.97 -18.87
C GLU F 57 15.00 30.70 -20.21
N LYS F 58 14.11 30.37 -21.15
CA LYS F 58 14.00 31.08 -22.41
C LYS F 58 12.64 31.73 -22.59
N ARG F 59 11.56 31.05 -22.20
CA ARG F 59 10.25 31.67 -22.20
C ARG F 59 10.18 32.80 -21.19
N GLU F 60 10.79 32.62 -20.02
CA GLU F 60 10.82 33.67 -19.01
C GLU F 60 11.57 34.91 -19.51
N MET F 61 12.67 34.71 -20.23
CA MET F 61 13.43 35.82 -20.79
C MET F 61 12.73 36.38 -22.02
N ASN F 156 14.04 26.64 -9.22
CA ASN F 156 14.62 25.65 -10.10
C ASN F 156 14.32 24.24 -9.61
N GLY F 157 14.71 23.25 -10.38
CA GLY F 157 14.50 21.86 -10.04
C GLY F 157 15.80 21.08 -10.04
N MET F 158 15.89 20.08 -9.16
CA MET F 158 17.05 19.23 -9.05
C MET F 158 16.66 17.99 -8.25
N ILE F 159 17.60 17.04 -8.18
CA ILE F 159 17.33 15.77 -7.53
C ILE F 159 17.45 15.94 -6.02
N THR F 160 16.39 15.56 -5.30
CA THR F 160 16.31 15.73 -3.86
C THR F 160 16.05 14.37 -3.22
N THR F 161 16.06 14.35 -1.88
CA THR F 161 15.67 13.19 -1.11
C THR F 161 14.74 13.64 0.01
N HIS F 162 13.57 13.03 0.09
CA HIS F 162 12.56 13.43 1.06
C HIS F 162 12.50 12.52 2.27
N GLN F 163 13.40 11.54 2.36
CA GLN F 163 13.49 10.66 3.52
C GLN F 163 14.90 10.73 4.07
N VAL F 164 15.02 10.55 5.40
CA VAL F 164 16.33 10.58 6.05
C VAL F 164 17.19 9.45 5.53
N GLY F 165 16.62 8.25 5.43
CA GLY F 165 17.36 7.10 4.95
C GLY F 165 17.21 6.87 3.46
N GLY F 166 16.76 7.90 2.74
CA GLY F 166 16.51 7.75 1.32
C GLY F 166 17.79 7.48 0.53
N ALA F 167 18.85 8.23 0.83
CA ALA F 167 20.10 8.07 0.10
C ALA F 167 20.70 6.69 0.34
N PHE F 168 20.68 6.22 1.58
CA PHE F 168 21.27 4.91 1.90
C PHE F 168 20.41 3.78 1.37
N PHE F 169 19.08 3.88 1.52
CA PHE F 169 18.20 2.82 1.04
C PHE F 169 18.24 2.70 -0.48
N VAL F 170 18.31 3.83 -1.17
CA VAL F 170 18.41 3.82 -2.63
C VAL F 170 19.70 3.13 -3.06
N ALA F 171 20.80 3.42 -2.37
CA ALA F 171 22.06 2.76 -2.68
C ALA F 171 21.97 1.26 -2.47
N LEU F 172 21.32 0.85 -1.37
CA LEU F 172 21.11 -0.58 -1.14
C LEU F 172 20.18 -1.18 -2.20
N LYS F 173 19.10 -0.47 -2.53
CA LYS F 173 18.14 -1.00 -3.50
C LYS F 173 18.76 -1.15 -4.88
N VAL F 174 19.51 -0.14 -5.32
CA VAL F 174 20.20 -0.22 -6.60
C VAL F 174 21.24 -1.32 -6.56
N SER F 175 21.98 -1.43 -5.46
CA SER F 175 22.96 -2.49 -5.33
C SER F 175 22.32 -3.86 -5.30
N PHE F 176 21.14 -3.98 -4.65
CA PHE F 176 20.43 -5.25 -4.64
C PHE F 176 20.01 -5.66 -6.04
N PHE F 177 19.50 -4.71 -6.83
CA PHE F 177 19.08 -5.02 -8.19
C PHE F 177 20.27 -5.42 -9.05
N ALA F 178 21.39 -4.72 -8.90
CA ALA F 178 22.59 -5.09 -9.65
C ALA F 178 23.14 -6.43 -9.17
N GLY F 179 22.93 -6.75 -7.90
CA GLY F 179 23.37 -8.04 -7.39
C GLY F 179 22.61 -9.19 -8.02
N ILE F 180 21.29 -9.04 -8.14
CA ILE F 180 20.49 -10.08 -8.78
C ILE F 180 20.85 -10.24 -10.24
N LEU F 181 21.04 -9.11 -10.94
CA LEU F 181 21.44 -9.17 -12.34
C LEU F 181 22.81 -9.81 -12.50
N MET F 182 23.75 -9.50 -11.61
CA MET F 182 25.06 -10.13 -11.64
C MET F 182 25.01 -11.61 -11.27
N ALA F 183 24.00 -12.03 -10.51
CA ALA F 183 23.85 -13.42 -10.11
C ALA F 183 23.04 -14.23 -11.10
N MET F 184 22.49 -13.60 -12.14
CA MET F 184 21.67 -14.31 -13.12
C MET F 184 22.40 -15.44 -13.83
N PRO F 185 23.65 -15.28 -14.30
CA PRO F 185 24.34 -16.44 -14.88
C PRO F 185 24.48 -17.61 -13.91
N VAL F 186 24.74 -17.35 -12.63
CA VAL F 186 24.83 -18.44 -11.66
C VAL F 186 23.45 -19.00 -11.38
N ILE F 187 22.44 -18.14 -11.24
CA ILE F 187 21.08 -18.61 -10.98
C ILE F 187 20.57 -19.44 -12.15
N LEU F 188 20.79 -18.98 -13.38
CA LEU F 188 20.30 -19.71 -14.54
C LEU F 188 21.06 -21.01 -14.75
N TRP F 189 22.37 -21.00 -14.50
CA TRP F 189 23.15 -22.23 -14.61
C TRP F 189 22.70 -23.25 -13.57
N GLN F 190 22.42 -22.79 -12.35
CA GLN F 190 21.88 -23.69 -11.34
C GLN F 190 20.48 -24.17 -11.71
N LEU F 191 19.65 -23.28 -12.27
CA LEU F 191 18.33 -23.68 -12.72
C LEU F 191 18.40 -24.72 -13.82
N TRP F 192 19.33 -24.54 -14.77
CA TRP F 192 19.46 -25.52 -15.85
C TRP F 192 19.92 -26.86 -15.32
N LEU F 193 20.87 -26.87 -14.38
CA LEU F 193 21.37 -28.13 -13.85
C LEU F 193 20.28 -28.89 -13.10
N PHE F 194 19.30 -28.18 -12.56
CA PHE F 194 18.20 -28.84 -11.85
C PHE F 194 17.23 -29.52 -12.81
N ILE F 195 17.06 -29.00 -14.02
CA ILE F 195 16.12 -29.55 -14.98
C ILE F 195 16.81 -30.19 -16.17
N ALA F 196 18.14 -30.21 -16.21
CA ALA F 196 18.84 -30.79 -17.36
C ALA F 196 18.55 -32.28 -17.54
N PRO F 197 18.65 -33.13 -16.52
CA PRO F 197 18.28 -34.53 -16.73
C PRO F 197 16.82 -34.72 -17.11
N GLY F 198 15.94 -33.84 -16.63
CA GLY F 198 14.52 -33.99 -16.93
C GLY F 198 14.22 -33.78 -18.40
N LEU F 199 14.80 -32.76 -19.01
CA LEU F 199 14.57 -32.47 -20.41
C LEU F 199 15.16 -33.57 -21.28
N TYR F 200 14.43 -33.95 -22.32
CA TYR F 200 14.89 -34.95 -23.26
C TYR F 200 15.98 -34.36 -24.16
N ASP F 201 16.75 -35.25 -24.80
CA ASP F 201 17.82 -34.81 -25.67
C ASP F 201 17.28 -34.06 -26.89
N ASN F 202 16.01 -34.30 -27.24
CA ASN F 202 15.42 -33.62 -28.38
C ASN F 202 15.31 -32.12 -28.15
N GLU F 203 14.79 -31.72 -26.99
CA GLU F 203 14.62 -30.30 -26.68
C GLU F 203 15.74 -29.73 -25.83
N LYS F 204 16.77 -30.52 -25.51
CA LYS F 204 17.86 -29.99 -24.69
C LYS F 204 18.74 -29.03 -25.49
N LYS F 205 18.79 -29.19 -26.80
CA LYS F 205 19.58 -28.29 -27.64
C LYS F 205 18.81 -27.07 -28.10
N MET F 206 17.58 -26.89 -27.62
CA MET F 206 16.81 -25.68 -27.87
C MET F 206 16.80 -24.74 -26.66
N VAL F 207 17.17 -25.23 -25.48
CA VAL F 207 17.17 -24.40 -24.28
C VAL F 207 18.35 -23.43 -24.30
N LEU F 208 19.54 -23.91 -24.65
CA LEU F 208 20.71 -23.03 -24.69
C LEU F 208 20.56 -21.90 -25.69
N PRO F 209 20.14 -22.12 -26.94
CA PRO F 209 19.84 -20.97 -27.81
C PRO F 209 18.74 -20.08 -27.28
N PHE F 210 17.76 -20.65 -26.58
CA PHE F 210 16.68 -19.84 -26.03
C PHE F 210 17.19 -18.94 -24.91
N VAL F 211 18.00 -19.49 -24.00
CA VAL F 211 18.53 -18.69 -22.91
C VAL F 211 19.46 -17.60 -23.43
N VAL F 212 20.36 -17.95 -24.36
CA VAL F 212 21.24 -16.96 -24.97
C VAL F 212 20.43 -15.94 -25.76
N GLY F 213 19.47 -16.42 -26.55
CA GLY F 213 18.65 -15.52 -27.34
C GLY F 213 17.75 -14.64 -26.49
N GLY F 214 17.13 -15.22 -25.46
CA GLY F 214 16.28 -14.44 -24.57
C GLY F 214 17.06 -13.40 -23.78
N SER F 215 18.23 -13.78 -23.28
CA SER F 215 19.04 -12.85 -22.51
C SER F 215 19.56 -11.71 -23.37
N VAL F 216 20.00 -12.01 -24.59
CA VAL F 216 20.52 -10.96 -25.46
C VAL F 216 19.41 -10.00 -25.88
N MET F 217 18.17 -10.49 -25.94
CA MET F 217 17.05 -9.60 -26.24
C MET F 217 16.66 -8.77 -25.02
N PHE F 218 16.79 -9.32 -23.82
CA PHE F 218 16.54 -8.54 -22.61
C PHE F 218 17.56 -7.42 -22.46
N LEU F 219 18.83 -7.72 -22.76
CA LEU F 219 19.86 -6.69 -22.68
C LEU F 219 19.61 -5.57 -23.69
N ILE F 220 19.15 -5.92 -24.89
CA ILE F 220 18.81 -4.91 -25.88
C ILE F 220 17.66 -4.04 -25.38
N GLY F 221 16.68 -4.67 -24.73
CA GLY F 221 15.54 -3.91 -24.21
C GLY F 221 15.96 -2.89 -23.17
N VAL F 222 16.88 -3.27 -22.28
CA VAL F 222 17.35 -2.33 -21.26
C VAL F 222 18.16 -1.21 -21.89
N LEU F 223 19.05 -1.56 -22.83
CA LEU F 223 19.83 -0.54 -23.51
C LEU F 223 18.95 0.36 -24.36
N PHE F 224 17.94 -0.21 -25.03
CA PHE F 224 17.03 0.59 -25.83
C PHE F 224 16.23 1.56 -24.97
N ALA F 225 15.78 1.10 -23.80
CA ALA F 225 15.05 1.98 -22.91
C ALA F 225 15.94 3.10 -22.38
N TYR F 226 17.19 2.79 -22.06
CA TYR F 226 18.08 3.77 -21.46
C TYR F 226 18.55 4.81 -22.47
N TYR F 227 18.92 4.39 -23.67
CA TYR F 227 19.61 5.26 -24.62
C TYR F 227 18.72 5.83 -25.72
N VAL F 228 17.53 5.28 -25.93
CA VAL F 228 16.65 5.72 -27.01
C VAL F 228 15.33 6.26 -26.47
N VAL F 229 14.74 5.58 -25.50
CA VAL F 229 13.41 5.96 -25.02
C VAL F 229 13.49 6.99 -23.90
N THR F 230 14.35 6.75 -22.90
CA THR F 230 14.42 7.63 -21.75
C THR F 230 14.80 9.07 -22.10
N PRO F 231 15.81 9.35 -22.94
CA PRO F 231 16.12 10.75 -23.24
C PRO F 231 14.96 11.53 -23.81
N PHE F 232 14.10 10.91 -24.63
CA PHE F 232 12.94 11.62 -25.15
C PHE F 232 11.77 11.57 -24.16
N GLY F 233 11.58 10.43 -23.50
CA GLY F 233 10.48 10.31 -22.57
C GLY F 233 10.62 11.21 -21.36
N PHE F 234 11.82 11.24 -20.77
CA PHE F 234 12.03 12.04 -19.56
C PHE F 234 11.92 13.52 -19.87
N GLN F 235 12.47 13.96 -21.00
CA GLN F 235 12.39 15.37 -21.36
C GLN F 235 10.95 15.80 -21.62
N PHE F 236 10.17 14.94 -22.28
CA PHE F 236 8.77 15.26 -22.54
C PHE F 236 7.97 15.30 -21.24
N LEU F 237 8.20 14.35 -20.35
CA LEU F 237 7.45 14.32 -19.09
C LEU F 237 7.74 15.53 -18.23
N ILE F 238 9.00 15.94 -18.14
CA ILE F 238 9.35 17.11 -17.33
C ILE F 238 8.80 18.37 -17.95
N THR F 239 8.88 18.49 -19.28
CA THR F 239 8.36 19.67 -19.96
C THR F 239 6.84 19.78 -19.85
N PHE F 240 6.15 18.68 -19.59
CA PHE F 240 4.69 18.71 -19.51
C PHE F 240 4.23 19.58 -18.34
N GLY F 241 4.91 19.48 -17.20
CA GLY F 241 4.55 20.28 -16.04
C GLY F 241 5.61 21.29 -15.67
N SER F 242 6.23 21.90 -16.68
CA SER F 242 7.27 22.89 -16.45
C SER F 242 6.71 24.29 -16.25
N PHE F 243 5.60 24.62 -16.91
CA PHE F 243 4.99 25.94 -16.77
C PHE F 243 3.96 26.01 -15.66
N LEU F 244 3.76 24.93 -14.91
CA LEU F 244 2.85 24.94 -13.78
C LEU F 244 3.53 24.64 -12.46
N TYR F 245 4.33 23.58 -12.39
CA TYR F 245 4.91 23.12 -11.14
C TYR F 245 6.44 23.11 -11.23
N THR F 246 7.07 23.02 -10.05
CA THR F 246 8.52 22.95 -9.94
C THR F 246 8.96 21.51 -9.77
N PRO F 247 9.80 20.98 -10.65
CA PRO F 247 10.16 19.55 -10.57
C PRO F 247 11.19 19.25 -9.51
N LEU F 248 10.76 19.05 -8.27
CA LEU F 248 11.66 18.64 -7.19
C LEU F 248 11.63 17.12 -7.06
N ILE F 249 12.31 16.46 -8.00
CA ILE F 249 12.26 15.01 -8.09
C ILE F 249 13.05 14.38 -6.96
N ASN F 250 12.45 13.39 -6.30
CA ASN F 250 13.09 12.67 -5.21
C ASN F 250 13.64 11.34 -5.72
N ILE F 251 14.81 10.97 -5.20
CA ILE F 251 15.51 9.81 -5.72
C ILE F 251 14.79 8.51 -5.38
N GLU F 252 14.04 8.48 -4.26
CA GLU F 252 13.40 7.25 -3.83
C GLU F 252 12.35 6.80 -4.83
N ASP F 253 11.48 7.72 -5.26
CA ASP F 253 10.47 7.40 -6.25
C ASP F 253 11.04 7.33 -7.66
N TYR F 254 12.20 7.96 -7.90
CA TYR F 254 12.80 7.90 -9.23
C TYR F 254 13.37 6.52 -9.52
N VAL F 255 14.05 5.92 -8.53
CA VAL F 255 14.66 4.61 -8.74
C VAL F 255 13.59 3.57 -9.05
N GLY F 256 12.49 3.58 -8.29
CA GLY F 256 11.40 2.66 -8.58
C GLY F 256 10.84 2.88 -9.96
N PHE F 257 10.67 4.14 -10.37
CA PHE F 257 10.16 4.44 -11.70
C PHE F 257 11.15 4.02 -12.78
N PHE F 258 12.44 4.29 -12.56
CA PHE F 258 13.43 4.07 -13.61
C PHE F 258 13.66 2.58 -13.87
N THR F 259 13.87 1.79 -12.81
CA THR F 259 14.12 0.37 -13.01
C THR F 259 12.90 -0.36 -13.55
N LYS F 260 11.70 0.13 -13.25
CA LYS F 260 10.51 -0.46 -13.86
C LYS F 260 10.50 -0.25 -15.37
N ILE F 261 10.94 0.93 -15.83
CA ILE F 261 11.04 1.18 -17.26
C ILE F 261 12.10 0.27 -17.88
N LEU F 262 13.25 0.16 -17.23
CA LEU F 262 14.32 -0.67 -17.76
C LEU F 262 13.95 -2.14 -17.75
N ILE F 263 13.46 -2.63 -16.61
CA ILE F 263 13.07 -4.03 -16.51
C ILE F 263 11.89 -4.33 -17.43
N GLY F 264 10.90 -3.43 -17.45
CA GLY F 264 9.72 -3.67 -18.26
C GLY F 264 10.02 -3.73 -19.75
N PHE F 265 10.86 -2.81 -20.24
CA PHE F 265 11.21 -2.83 -21.66
C PHE F 265 12.03 -4.06 -22.03
N GLY F 266 12.82 -4.59 -21.09
CA GLY F 266 13.53 -5.83 -21.35
C GLY F 266 12.59 -7.00 -21.56
N ILE F 267 11.58 -7.12 -20.69
CA ILE F 267 10.55 -8.15 -20.88
C ILE F 267 9.70 -7.83 -22.09
N ALA F 268 9.43 -6.54 -22.32
CA ALA F 268 8.66 -6.13 -23.48
C ALA F 268 9.34 -6.52 -24.79
N PHE F 269 10.65 -6.74 -24.77
CA PHE F 269 11.36 -7.26 -25.92
C PHE F 269 11.48 -8.77 -25.90
N GLU F 270 11.30 -9.40 -24.74
CA GLU F 270 11.35 -10.86 -24.63
C GLU F 270 10.05 -11.51 -25.02
N LEU F 271 8.92 -10.81 -24.92
CA LEU F 271 7.66 -11.35 -25.41
C LEU F 271 7.65 -11.59 -26.92
N PRO F 272 8.10 -10.67 -27.77
CA PRO F 272 8.13 -10.96 -29.21
C PRO F 272 9.16 -11.98 -29.66
N VAL F 273 10.04 -12.43 -28.77
CA VAL F 273 10.98 -13.50 -29.12
C VAL F 273 10.57 -14.84 -28.49
N VAL F 274 9.87 -14.84 -27.37
CA VAL F 274 9.27 -16.07 -26.86
C VAL F 274 8.23 -16.59 -27.84
N ALA F 275 7.40 -15.69 -28.38
CA ALA F 275 6.43 -16.10 -29.38
C ALA F 275 7.09 -16.64 -30.63
N TYR F 276 8.19 -16.02 -31.06
CA TYR F 276 8.91 -16.51 -32.24
C TYR F 276 9.49 -17.90 -31.97
N PHE F 277 10.05 -18.12 -30.78
CA PHE F 277 10.65 -19.41 -30.48
C PHE F 277 9.60 -20.52 -30.49
N LEU F 278 8.41 -20.24 -29.96
CA LEU F 278 7.33 -21.21 -30.00
C LEU F 278 6.77 -21.40 -31.41
N ALA F 279 7.04 -20.48 -32.32
CA ALA F 279 6.50 -20.56 -33.67
C ALA F 279 7.43 -21.28 -34.64
N LEU F 280 8.74 -21.02 -34.55
CA LEU F 280 9.68 -21.68 -35.46
C LEU F 280 9.69 -23.18 -35.26
N LEU F 281 9.72 -23.63 -34.01
CA LEU F 281 9.61 -25.07 -33.74
C LEU F 281 8.24 -25.59 -34.16
N GLY F 282 7.20 -24.83 -33.87
CA GLY F 282 5.84 -25.16 -34.21
C GLY F 282 5.07 -25.73 -33.04
N LEU F 283 4.35 -24.86 -32.34
CA LEU F 283 3.40 -25.29 -31.31
C LEU F 283 2.10 -24.50 -31.33
N ILE F 284 2.10 -23.28 -31.84
CA ILE F 284 0.90 -22.46 -31.99
C ILE F 284 0.96 -21.76 -33.34
N THR F 285 -0.21 -21.46 -33.88
CA THR F 285 -0.33 -20.81 -35.17
C THR F 285 -1.03 -19.46 -34.99
N ASP F 286 -1.32 -18.82 -36.12
CA ASP F 286 -2.03 -17.54 -36.08
C ASP F 286 -3.41 -17.70 -35.49
N LYS F 287 -4.13 -18.76 -35.89
CA LYS F 287 -5.48 -18.97 -35.38
C LYS F 287 -5.50 -19.18 -33.89
N THR F 288 -4.57 -19.99 -33.35
CA THR F 288 -4.57 -20.27 -31.93
C THR F 288 -4.33 -19.01 -31.11
N LEU F 289 -3.44 -18.14 -31.57
CA LEU F 289 -3.19 -16.89 -30.86
C LEU F 289 -4.32 -15.87 -31.06
N LYS F 290 -5.25 -16.14 -31.98
CA LYS F 290 -6.39 -15.25 -32.19
C LYS F 290 -7.66 -15.70 -31.48
N ASP F 291 -7.97 -17.00 -31.48
CA ASP F 291 -9.15 -17.50 -30.82
C ASP F 291 -8.97 -17.66 -29.31
N TYR F 292 -7.75 -17.49 -28.82
CA TYR F 292 -7.49 -17.44 -27.39
C TYR F 292 -7.32 -16.01 -26.87
N PHE F 293 -7.63 -15.01 -27.69
CA PHE F 293 -7.50 -13.63 -27.24
C PHE F 293 -8.51 -13.30 -26.16
N LYS F 294 -9.67 -13.96 -26.18
CA LYS F 294 -10.74 -13.64 -25.24
C LYS F 294 -10.33 -13.93 -23.81
N TYR F 295 -9.64 -15.05 -23.58
CA TYR F 295 -9.03 -15.26 -22.26
C TYR F 295 -7.81 -14.37 -22.07
N ALA F 296 -7.08 -14.09 -23.15
CA ALA F 296 -5.84 -13.32 -23.04
C ALA F 296 -6.11 -11.91 -22.54
N ILE F 297 -7.20 -11.30 -22.99
CA ILE F 297 -7.50 -9.93 -22.58
C ILE F 297 -7.82 -9.89 -21.08
N VAL F 298 -8.47 -10.93 -20.56
CA VAL F 298 -8.73 -10.98 -19.12
C VAL F 298 -7.45 -11.21 -18.34
N ILE F 299 -6.57 -12.07 -18.86
CA ILE F 299 -5.30 -12.35 -18.18
C ILE F 299 -4.43 -11.11 -18.16
N ILE F 300 -4.42 -10.34 -19.26
CA ILE F 300 -3.61 -9.13 -19.32
C ILE F 300 -4.05 -8.14 -18.24
N PHE F 301 -5.35 -7.95 -18.09
CA PHE F 301 -5.85 -7.04 -17.06
C PHE F 301 -5.59 -7.61 -15.67
N LEU F 302 -5.57 -8.93 -15.53
CA LEU F 302 -5.16 -9.54 -14.28
C LEU F 302 -3.69 -9.29 -13.99
N LEU F 303 -2.84 -9.40 -15.02
CA LEU F 303 -1.43 -9.09 -14.85
C LEU F 303 -1.20 -7.61 -14.62
N ALA F 304 -1.92 -6.76 -15.35
CA ALA F 304 -1.77 -5.31 -15.16
C ALA F 304 -2.18 -4.90 -13.75
N ALA F 305 -3.17 -5.57 -13.19
CA ALA F 305 -3.60 -5.28 -11.83
C ALA F 305 -2.49 -5.59 -10.82
N PHE F 306 -1.81 -6.72 -11.02
CA PHE F 306 -0.75 -7.12 -10.10
C PHE F 306 0.42 -6.14 -10.14
N LEU F 307 0.83 -5.74 -11.34
CA LEU F 307 2.05 -4.96 -11.53
C LEU F 307 1.83 -3.46 -11.40
N THR F 308 0.72 -3.02 -10.83
CA THR F 308 0.40 -1.60 -10.74
C THR F 308 -0.21 -1.31 -9.39
N PRO F 309 -0.16 -0.05 -8.94
CA PRO F 309 -0.90 0.33 -7.74
C PRO F 309 -2.39 0.12 -7.92
N PRO F 310 -3.17 0.13 -6.84
CA PRO F 310 -4.59 -0.24 -6.94
C PRO F 310 -5.44 0.72 -7.78
N ASP F 311 -4.84 1.73 -8.39
CA ASP F 311 -5.59 2.63 -9.25
C ASP F 311 -5.95 1.95 -10.56
N VAL F 312 -7.15 2.26 -11.08
CA VAL F 312 -7.57 1.71 -12.37
C VAL F 312 -6.74 2.30 -13.50
N LEU F 313 -6.43 3.59 -13.42
CA LEU F 313 -5.68 4.24 -14.49
C LEU F 313 -4.33 3.58 -14.69
N THR F 314 -3.68 3.17 -13.60
CA THR F 314 -2.42 2.44 -13.72
C THR F 314 -2.64 1.10 -14.41
N GLN F 315 -3.77 0.44 -14.12
CA GLN F 315 -4.10 -0.80 -14.80
C GLN F 315 -4.27 -0.58 -16.29
N LEU F 316 -5.04 0.45 -16.68
CA LEU F 316 -5.25 0.71 -18.11
C LEU F 316 -3.95 1.14 -18.79
N LEU F 317 -3.16 1.97 -18.11
CA LEU F 317 -1.91 2.43 -18.71
C LEU F 317 -0.89 1.31 -18.89
N MET F 318 -1.06 0.20 -18.18
CA MET F 318 -0.19 -0.96 -18.36
C MET F 318 -0.80 -2.03 -19.23
N ALA F 319 -2.13 -2.13 -19.27
CA ALA F 319 -2.78 -3.09 -20.15
C ALA F 319 -2.63 -2.71 -21.61
N ALA F 320 -2.57 -1.42 -21.91
CA ALA F 320 -2.44 -0.97 -23.29
C ALA F 320 -1.13 -1.44 -23.93
N PRO F 321 0.05 -1.28 -23.31
CA PRO F 321 1.26 -1.85 -23.94
C PRO F 321 1.19 -3.36 -24.09
N LEU F 322 0.58 -4.07 -23.14
CA LEU F 322 0.52 -5.52 -23.23
C LEU F 322 -0.37 -5.96 -24.38
N ILE F 323 -1.47 -5.23 -24.65
CA ILE F 323 -2.33 -5.55 -25.79
C ILE F 323 -1.56 -5.39 -27.08
N LEU F 324 -0.79 -4.31 -27.20
CA LEU F 324 0.01 -4.09 -28.41
C LEU F 324 1.08 -5.16 -28.57
N LEU F 325 1.67 -5.63 -27.47
CA LEU F 325 2.63 -6.73 -27.56
C LEU F 325 1.96 -7.98 -28.10
N TYR F 326 0.73 -8.26 -27.65
CA TYR F 326 -0.04 -9.36 -28.21
C TYR F 326 -0.33 -9.13 -29.68
N GLY F 327 -0.67 -7.90 -30.05
CA GLY F 327 -0.92 -7.60 -31.45
C GLY F 327 0.31 -7.81 -32.31
N LEU F 328 1.48 -7.39 -31.83
CA LEU F 328 2.72 -7.66 -32.54
C LEU F 328 3.00 -9.16 -32.60
N SER F 329 2.71 -9.87 -31.50
CA SER F 329 2.92 -11.31 -31.48
C SER F 329 2.02 -12.03 -32.48
N ILE F 330 0.85 -11.44 -32.79
CA ILE F 330 -0.01 -12.01 -33.81
C ILE F 330 0.69 -11.99 -35.16
N LEU F 331 1.31 -10.85 -35.51
CA LEU F 331 1.95 -10.73 -36.81
C LEU F 331 3.19 -11.62 -36.91
N ILE F 332 3.88 -11.83 -35.79
CA ILE F 332 5.11 -12.63 -35.82
C ILE F 332 4.81 -14.05 -36.24
N VAL F 333 3.76 -14.64 -35.66
CA VAL F 333 3.38 -16.00 -36.04
C VAL F 333 2.79 -16.00 -37.45
N HIS F 334 2.17 -14.90 -37.88
CA HIS F 334 1.58 -14.86 -39.21
C HIS F 334 2.64 -14.85 -40.30
N TYR F 335 3.78 -14.19 -40.06
CA TYR F 335 4.85 -14.18 -41.05
C TYR F 335 5.54 -15.54 -41.15
N VAL F 336 5.72 -16.23 -40.03
CA VAL F 336 6.39 -17.53 -40.03
C VAL F 336 5.43 -18.62 -40.49
#